data_1AY5
#
_entry.id   1AY5
#
_cell.length_a   124.480
_cell.length_b   121.440
_cell.length_c   55.070
_cell.angle_alpha   90.00
_cell.angle_beta   90.00
_cell.angle_gamma   90.00
#
_symmetry.space_group_name_H-M   'P 21 21 21'
#
loop_
_entity.id
_entity.type
_entity.pdbx_description
1 polymer 'AROMATIC AMINO ACID AMINOTRANSFERASE'
2 non-polymer "PYRIDOXAL-5'-PHOSPHATE"
3 non-polymer 'MALEIC ACID'
4 water water
#
_entity_poly.entity_id   1
_entity_poly.type   'polypeptide(L)'
_entity_poly.pdbx_seq_one_letter_code
;MLGNLKPQAPDKILALMGEFRADPRQGKIDLGVGVYKDATGHTPIMRAVHAAEQRMLETETTKTYAGLSGEPEFQKAMGE
LILGDGLKSETTATLATVGGTGALRQALELARMANPDLRVFVSDPTWPNHVSIMNFMGLPVQTYRYFDAETRGVDFEGMK
ADLAAAKKGDMVLLHGCCHNPTGANLTLDQWAEIASILEKTGALPLIDLAYQGFGDGLEEDAAGTRLIASRIPEVLIAAS
CSKNFGIYRERTGCLLALCADAATRELAQGAMAFLNRQTYSFPPFHGAKIVSTVLTTPELRADWMAELEAVRSGMLRLRE
QLAGELRDLSGSDRFGFVAEHRGMFSRLGATPEQVKRIKEEFGIYMVGDSRINIAGLNDNTIPILARAIIEVGV
;
_entity_poly.pdbx_strand_id   A,B
#
loop_
_chem_comp.id
_chem_comp.type
_chem_comp.name
_chem_comp.formula
MAE non-polymer 'MALEIC ACID' 'C4 H4 O4'
PLP non-polymer PYRIDOXAL-5'-PHOSPHATE 'C8 H10 N O6 P'
#
# COMPACT_ATOMS: atom_id res chain seq x y z
N MET A 1 -3.70 18.87 -18.95
CA MET A 1 -4.32 19.32 -17.68
C MET A 1 -3.38 19.23 -16.49
N LEU A 2 -2.36 18.36 -16.57
CA LEU A 2 -1.43 18.20 -15.46
C LEU A 2 -0.64 19.46 -15.09
N GLY A 3 -0.66 20.45 -15.98
CA GLY A 3 0.05 21.69 -15.71
C GLY A 3 -0.69 22.59 -14.74
N ASN A 4 -1.96 22.27 -14.50
CA ASN A 4 -2.78 23.06 -13.60
C ASN A 4 -2.74 22.38 -12.23
N LEU A 5 -1.65 21.68 -11.95
CA LEU A 5 -1.48 20.93 -10.71
C LEU A 5 -0.75 21.77 -9.67
N LYS A 6 -1.42 22.03 -8.55
CA LYS A 6 -0.86 22.81 -7.46
C LYS A 6 0.41 22.14 -6.93
N PRO A 7 1.51 22.90 -6.82
CA PRO A 7 2.78 22.36 -6.33
C PRO A 7 2.73 21.82 -4.91
N GLN A 8 3.02 20.53 -4.77
CA GLN A 8 3.03 19.87 -3.48
C GLN A 8 4.42 19.98 -2.86
N ALA A 9 4.47 20.44 -1.62
CA ALA A 9 5.71 20.64 -0.90
C ALA A 9 6.47 19.35 -0.61
N PRO A 10 7.81 19.40 -0.69
CA PRO A 10 8.67 18.24 -0.44
C PRO A 10 8.63 17.83 1.04
N ASP A 11 8.73 16.52 1.28
CA ASP A 11 8.71 15.91 2.62
C ASP A 11 9.21 16.75 3.80
N LYS A 12 10.39 17.33 3.60
CA LYS A 12 11.13 18.18 4.56
C LYS A 12 12.34 17.39 5.08
N ILE A 13 12.16 16.09 5.24
CA ILE A 13 13.21 15.20 5.70
C ILE A 13 14.45 15.42 4.82
N LEU A 14 14.25 15.27 3.51
CA LEU A 14 15.33 15.42 2.53
C LEU A 14 16.03 16.76 2.63
N ALA A 15 15.28 17.83 2.88
CA ALA A 15 15.86 19.16 2.99
C ALA A 15 16.86 19.19 4.14
N LEU A 16 16.46 18.69 5.30
CA LEU A 16 17.33 18.64 6.47
C LEU A 16 18.53 17.74 6.14
N MET A 17 18.27 16.66 5.42
CA MET A 17 19.32 15.70 5.03
C MET A 17 20.34 16.36 4.11
N GLY A 18 19.86 17.21 3.21
CA GLY A 18 20.74 17.90 2.28
C GLY A 18 21.60 18.91 2.99
N GLU A 19 20.96 19.71 3.85
CA GLU A 19 21.65 20.72 4.64
C GLU A 19 22.80 20.04 5.39
N PHE A 20 22.50 18.89 5.99
CA PHE A 20 23.49 18.13 6.72
C PHE A 20 24.61 17.64 5.81
N ARG A 21 24.26 16.83 4.82
CA ARG A 21 25.21 16.26 3.87
C ARG A 21 26.12 17.30 3.20
N ALA A 22 25.65 18.54 3.11
CA ALA A 22 26.42 19.61 2.50
C ALA A 22 27.43 20.23 3.47
N ASP A 23 27.13 20.19 4.76
CA ASP A 23 28.01 20.75 5.78
C ASP A 23 29.42 20.13 5.74
N PRO A 24 30.43 20.94 5.40
CA PRO A 24 31.82 20.48 5.31
C PRO A 24 32.51 20.20 6.64
N ARG A 25 31.81 20.43 7.75
CA ARG A 25 32.41 20.18 9.05
C ARG A 25 32.64 18.69 9.31
N GLN A 26 33.84 18.40 9.81
CA GLN A 26 34.25 17.03 10.10
C GLN A 26 33.50 16.38 11.26
N GLY A 27 33.14 17.16 12.27
CA GLY A 27 32.45 16.61 13.42
C GLY A 27 30.98 17.00 13.52
N LYS A 28 30.26 16.94 12.42
CA LYS A 28 28.85 17.27 12.42
C LYS A 28 28.05 16.05 12.89
N ILE A 29 26.95 16.29 13.59
CA ILE A 29 26.10 15.22 14.12
C ILE A 29 24.70 15.34 13.50
N ASP A 30 24.02 14.20 13.36
CA ASP A 30 22.67 14.18 12.79
C ASP A 30 21.70 13.43 13.69
N LEU A 31 20.99 14.16 14.54
CA LEU A 31 20.02 13.59 15.45
C LEU A 31 18.59 13.73 14.92
N GLY A 32 18.47 14.06 13.64
CA GLY A 32 17.15 14.23 13.05
C GLY A 32 16.58 12.96 12.43
N VAL A 33 17.38 11.89 12.40
CA VAL A 33 16.94 10.63 11.82
C VAL A 33 15.67 10.11 12.50
N GLY A 34 14.84 9.42 11.73
CA GLY A 34 13.60 8.88 12.27
C GLY A 34 13.61 7.38 12.46
N VAL A 35 14.74 6.76 12.14
CA VAL A 35 14.87 5.31 12.27
C VAL A 35 15.90 4.97 13.32
N TYR A 36 15.82 3.76 13.85
CA TYR A 36 16.78 3.31 14.84
C TYR A 36 18.14 3.11 14.17
N LYS A 37 19.21 3.41 14.90
CA LYS A 37 20.55 3.25 14.39
C LYS A 37 21.39 2.69 15.52
N ASP A 38 22.24 1.71 15.21
CA ASP A 38 23.10 1.12 16.24
C ASP A 38 24.35 1.96 16.46
N ALA A 39 25.27 1.42 17.26
CA ALA A 39 26.51 2.11 17.59
C ALA A 39 27.29 2.58 16.37
N THR A 40 27.31 1.76 15.32
CA THR A 40 28.03 2.10 14.10
C THR A 40 27.21 2.93 13.12
N GLY A 41 26.09 3.46 13.58
CA GLY A 41 25.23 4.28 12.75
C GLY A 41 24.55 3.55 11.60
N HIS A 42 24.19 2.30 11.84
CA HIS A 42 23.53 1.50 10.82
C HIS A 42 22.21 1.00 11.37
N THR A 43 21.28 0.71 10.45
CA THR A 43 19.97 0.19 10.80
C THR A 43 19.97 -1.27 10.33
N PRO A 44 20.43 -2.18 11.18
CA PRO A 44 20.49 -3.60 10.86
C PRO A 44 19.15 -4.28 10.65
N ILE A 45 19.21 -5.48 10.09
CA ILE A 45 18.03 -6.30 9.87
C ILE A 45 18.05 -7.22 11.08
N MET A 46 16.95 -7.28 11.83
CA MET A 46 16.92 -8.14 13.01
C MET A 46 17.15 -9.60 12.64
N ARG A 47 17.81 -10.33 13.54
CA ARG A 47 18.14 -11.75 13.32
C ARG A 47 16.94 -12.63 12.97
N ALA A 48 15.97 -12.70 13.88
CA ALA A 48 14.76 -13.50 13.66
C ALA A 48 14.13 -13.18 12.31
N VAL A 49 14.24 -11.92 11.89
CA VAL A 49 13.69 -11.49 10.61
C VAL A 49 14.48 -12.11 9.48
N HIS A 50 15.80 -12.06 9.57
CA HIS A 50 16.65 -12.66 8.54
C HIS A 50 16.41 -14.16 8.46
N ALA A 51 16.06 -14.76 9.59
CA ALA A 51 15.80 -16.20 9.65
C ALA A 51 14.45 -16.52 9.04
N ALA A 52 13.49 -15.61 9.22
CA ALA A 52 12.16 -15.80 8.68
C ALA A 52 12.21 -15.70 7.15
N GLU A 53 12.88 -14.69 6.63
CA GLU A 53 12.98 -14.52 5.18
C GLU A 53 13.64 -15.72 4.51
N GLN A 54 14.54 -16.37 5.24
CA GLN A 54 15.23 -17.56 4.75
C GLN A 54 14.27 -18.74 4.75
N ARG A 55 13.50 -18.88 5.83
CA ARG A 55 12.51 -19.94 5.95
C ARG A 55 11.51 -19.84 4.80
N MET A 56 11.05 -18.62 4.56
CA MET A 56 10.07 -18.33 3.50
C MET A 56 10.64 -18.71 2.14
N LEU A 57 11.91 -18.36 1.91
CA LEU A 57 12.58 -18.66 0.65
C LEU A 57 12.66 -20.15 0.39
N GLU A 58 12.79 -20.94 1.45
CA GLU A 58 12.88 -22.38 1.33
C GLU A 58 11.55 -23.13 1.43
N THR A 59 10.49 -22.47 1.89
CA THR A 59 9.21 -23.16 2.05
C THR A 59 8.04 -22.68 1.20
N GLU A 60 8.14 -21.45 0.68
CA GLU A 60 7.05 -20.90 -0.12
C GLU A 60 7.07 -21.46 -1.55
N THR A 61 5.92 -21.97 -2.00
CA THR A 61 5.77 -22.55 -3.33
C THR A 61 5.05 -21.68 -4.36
N THR A 62 4.27 -20.70 -3.91
CA THR A 62 3.53 -19.84 -4.83
C THR A 62 3.38 -18.44 -4.27
N LYS A 63 3.05 -17.50 -5.14
CA LYS A 63 2.84 -16.10 -4.76
C LYS A 63 1.52 -15.61 -5.30
N THR A 64 0.55 -16.51 -5.41
CA THR A 64 -0.79 -16.19 -5.91
C THR A 64 -1.46 -15.18 -5.00
N TYR A 65 -2.63 -14.72 -5.42
CA TYR A 65 -3.41 -13.80 -4.62
C TYR A 65 -3.81 -14.54 -3.35
N ALA A 66 -3.63 -13.89 -2.21
CA ALA A 66 -3.98 -14.46 -0.92
C ALA A 66 -5.24 -13.79 -0.36
N GLY A 67 -5.24 -13.46 0.94
CA GLY A 67 -6.40 -12.83 1.55
C GLY A 67 -6.51 -11.34 1.38
N LEU A 68 -7.72 -10.89 1.05
CA LEU A 68 -8.01 -9.47 0.84
C LEU A 68 -7.70 -8.59 2.05
N SER A 69 -7.98 -9.12 3.24
CA SER A 69 -7.73 -8.33 4.45
C SER A 69 -6.56 -8.86 5.28
N GLY A 70 -5.66 -9.58 4.61
CA GLY A 70 -4.52 -10.14 5.30
C GLY A 70 -4.66 -11.63 5.53
N GLU A 71 -3.62 -12.25 6.07
CA GLU A 71 -3.65 -13.68 6.34
C GLU A 71 -4.05 -13.94 7.79
N PRO A 72 -4.83 -15.00 8.02
CA PRO A 72 -5.31 -15.38 9.35
C PRO A 72 -4.19 -15.48 10.40
N GLU A 73 -3.07 -16.07 10.01
CA GLU A 73 -1.91 -16.21 10.90
C GLU A 73 -1.43 -14.83 11.35
N PHE A 74 -1.42 -13.89 10.42
CA PHE A 74 -0.97 -12.53 10.71
C PHE A 74 -1.92 -11.82 11.66
N GLN A 75 -3.19 -11.83 11.32
CA GLN A 75 -4.21 -11.16 12.11
C GLN A 75 -4.23 -11.63 13.56
N LYS A 76 -4.19 -12.95 13.77
CA LYS A 76 -4.21 -13.52 15.11
C LYS A 76 -2.95 -13.20 15.88
N ALA A 77 -1.80 -13.39 15.24
CA ALA A 77 -0.52 -13.12 15.88
C ALA A 77 -0.39 -11.65 16.32
N MET A 78 -0.84 -10.74 15.46
CA MET A 78 -0.78 -9.32 15.80
C MET A 78 -1.76 -8.99 16.92
N GLY A 79 -3.01 -9.40 16.75
CA GLY A 79 -4.02 -9.15 17.76
C GLY A 79 -3.62 -9.62 19.14
N GLU A 80 -2.99 -10.78 19.22
CA GLU A 80 -2.56 -11.31 20.50
C GLU A 80 -1.34 -10.57 21.05
N LEU A 81 -0.49 -10.06 20.15
CA LEU A 81 0.70 -9.32 20.57
C LEU A 81 0.28 -8.03 21.26
N ILE A 82 -0.69 -7.34 20.65
CA ILE A 82 -1.20 -6.08 21.16
C ILE A 82 -2.15 -6.21 22.35
N LEU A 83 -3.19 -7.02 22.20
CA LEU A 83 -4.21 -7.19 23.24
C LEU A 83 -4.02 -8.33 24.23
N GLY A 84 -3.04 -9.21 23.99
CA GLY A 84 -2.80 -10.32 24.88
C GLY A 84 -4.00 -11.23 25.09
N ASP A 85 -4.25 -11.61 26.34
CA ASP A 85 -5.37 -12.49 26.67
C ASP A 85 -6.73 -11.81 26.56
N GLY A 86 -6.72 -10.49 26.45
CA GLY A 86 -7.96 -9.75 26.36
C GLY A 86 -8.59 -9.76 24.98
N LEU A 87 -7.95 -10.42 24.03
CA LEU A 87 -8.47 -10.46 22.67
C LEU A 87 -9.65 -11.39 22.50
N LYS A 88 -10.74 -10.86 21.97
CA LYS A 88 -11.91 -11.68 21.69
C LYS A 88 -12.28 -11.54 20.21
N SER A 89 -11.84 -12.52 19.43
CA SER A 89 -12.06 -12.57 17.99
C SER A 89 -13.47 -12.28 17.50
N GLU A 90 -14.46 -12.78 18.23
CA GLU A 90 -15.86 -12.59 17.85
C GLU A 90 -16.26 -11.12 17.73
N THR A 91 -15.49 -10.25 18.35
CA THR A 91 -15.79 -8.82 18.32
C THR A 91 -14.66 -7.97 17.74
N THR A 92 -13.54 -8.61 17.44
CA THR A 92 -12.38 -7.91 16.89
C THR A 92 -12.26 -8.11 15.38
N ALA A 93 -12.39 -7.02 14.63
CA ALA A 93 -12.23 -7.05 13.18
C ALA A 93 -10.78 -6.67 12.93
N THR A 94 -10.11 -7.35 11.99
CA THR A 94 -8.71 -7.05 11.71
C THR A 94 -8.47 -6.85 10.21
N LEU A 95 -7.47 -6.02 9.88
CA LEU A 95 -7.14 -5.72 8.50
C LEU A 95 -5.65 -5.45 8.34
N ALA A 96 -5.00 -6.16 7.41
CA ALA A 96 -3.57 -5.95 7.15
C ALA A 96 -3.52 -4.73 6.25
N THR A 97 -2.67 -3.79 6.61
CA THR A 97 -2.54 -2.54 5.88
C THR A 97 -1.11 -2.33 5.37
N VAL A 98 -0.92 -1.28 4.58
CA VAL A 98 0.41 -0.98 4.06
C VAL A 98 1.04 -0.07 5.12
N GLY A 99 1.76 -0.68 6.06
CA GLY A 99 2.39 0.08 7.12
C GLY A 99 1.38 0.68 8.10
N GLY A 100 1.90 1.25 9.18
CA GLY A 100 1.04 1.88 10.18
C GLY A 100 0.26 3.02 9.56
N THR A 101 0.92 3.82 8.72
CA THR A 101 0.27 4.95 8.06
C THR A 101 -0.99 4.45 7.36
N GLY A 102 -0.86 3.33 6.65
CA GLY A 102 -1.99 2.75 5.97
C GLY A 102 -3.11 2.41 6.95
N ALA A 103 -2.74 1.92 8.12
CA ALA A 103 -3.72 1.58 9.15
C ALA A 103 -4.45 2.84 9.60
N LEU A 104 -3.70 3.93 9.72
CA LEU A 104 -4.29 5.20 10.13
C LEU A 104 -5.29 5.70 9.10
N ARG A 105 -4.82 5.80 7.86
CA ARG A 105 -5.65 6.27 6.76
C ARG A 105 -6.89 5.41 6.60
N GLN A 106 -6.75 4.09 6.73
CA GLN A 106 -7.90 3.19 6.63
C GLN A 106 -8.83 3.35 7.84
N ALA A 107 -8.28 3.74 8.98
CA ALA A 107 -9.10 3.96 10.18
C ALA A 107 -9.98 5.20 9.97
N LEU A 108 -9.37 6.26 9.46
CA LEU A 108 -10.05 7.52 9.16
C LEU A 108 -11.16 7.30 8.13
N GLU A 109 -10.87 6.55 7.07
CA GLU A 109 -11.86 6.26 6.03
C GLU A 109 -13.04 5.49 6.63
N LEU A 110 -12.73 4.46 7.41
CA LEU A 110 -13.75 3.62 8.05
C LEU A 110 -14.70 4.46 8.91
N ALA A 111 -14.13 5.25 9.82
CA ALA A 111 -14.90 6.09 10.72
C ALA A 111 -15.72 7.17 9.99
N ARG A 112 -15.18 7.70 8.90
CA ARG A 112 -15.89 8.71 8.12
C ARG A 112 -17.09 8.06 7.44
N MET A 113 -16.96 6.79 7.08
CA MET A 113 -18.05 6.05 6.46
C MET A 113 -19.17 5.89 7.48
N ALA A 114 -18.77 5.62 8.72
CA ALA A 114 -19.70 5.42 9.83
C ALA A 114 -20.29 6.73 10.35
N ASN A 115 -19.51 7.80 10.28
CA ASN A 115 -19.95 9.11 10.76
C ASN A 115 -19.38 10.18 9.86
N PRO A 116 -20.20 10.70 8.92
CA PRO A 116 -19.74 11.75 8.00
C PRO A 116 -19.39 13.06 8.72
N ASP A 117 -20.03 13.32 9.84
CA ASP A 117 -19.77 14.56 10.58
C ASP A 117 -18.69 14.37 11.65
N LEU A 118 -17.71 13.54 11.33
CA LEU A 118 -16.62 13.23 12.23
C LEU A 118 -15.66 14.40 12.44
N ARG A 119 -15.20 14.57 13.68
CA ARG A 119 -14.22 15.59 14.04
C ARG A 119 -13.09 14.79 14.68
N VAL A 120 -11.84 15.11 14.35
CA VAL A 120 -10.71 14.39 14.93
C VAL A 120 -9.95 15.30 15.90
N PHE A 121 -9.59 14.76 17.06
CA PHE A 121 -8.83 15.50 18.07
C PHE A 121 -7.43 14.90 18.12
N VAL A 122 -6.41 15.71 17.89
CA VAL A 122 -5.03 15.25 17.94
C VAL A 122 -4.25 16.03 18.99
N SER A 123 -3.18 15.44 19.52
CA SER A 123 -2.38 16.10 20.54
C SER A 123 -1.51 17.23 20.02
N ASP A 124 -1.13 18.11 20.93
CA ASP A 124 -0.27 19.23 20.63
C ASP A 124 1.05 19.01 21.37
N PRO A 125 2.08 18.56 20.64
CA PRO A 125 2.06 18.27 19.21
C PRO A 125 1.84 16.78 18.93
N THR A 126 1.87 16.43 17.66
CA THR A 126 1.67 15.06 17.23
C THR A 126 2.58 14.80 16.03
N TRP A 127 2.57 13.56 15.55
CA TRP A 127 3.34 13.17 14.37
C TRP A 127 2.70 14.01 13.25
N PRO A 128 3.49 14.89 12.61
CA PRO A 128 2.98 15.75 11.53
C PRO A 128 2.23 15.07 10.38
N ASN A 129 2.54 13.81 10.11
CA ASN A 129 1.86 13.09 9.02
C ASN A 129 0.39 12.88 9.34
N HIS A 130 0.03 12.97 10.62
CA HIS A 130 -1.35 12.82 11.07
C HIS A 130 -2.26 13.92 10.52
N VAL A 131 -1.92 15.16 10.85
CA VAL A 131 -2.67 16.33 10.41
C VAL A 131 -2.69 16.40 8.89
N SER A 132 -1.58 16.01 8.29
CA SER A 132 -1.45 16.04 6.84
C SER A 132 -2.50 15.14 6.16
N ILE A 133 -2.64 13.91 6.66
CA ILE A 133 -3.61 12.97 6.11
C ILE A 133 -5.02 13.51 6.31
N MET A 134 -5.31 13.96 7.52
CA MET A 134 -6.62 14.51 7.85
C MET A 134 -6.98 15.72 6.97
N ASN A 135 -6.00 16.59 6.75
CA ASN A 135 -6.18 17.78 5.92
C ASN A 135 -6.51 17.35 4.50
N PHE A 136 -5.79 16.34 4.01
CA PHE A 136 -6.00 15.82 2.66
C PHE A 136 -7.41 15.27 2.51
N MET A 137 -7.93 14.65 3.56
CA MET A 137 -9.28 14.08 3.54
C MET A 137 -10.33 15.15 3.78
N GLY A 138 -9.92 16.26 4.40
CA GLY A 138 -10.85 17.33 4.69
C GLY A 138 -11.62 17.12 5.98
N LEU A 139 -11.03 16.38 6.91
CA LEU A 139 -11.68 16.13 8.19
C LEU A 139 -11.38 17.31 9.11
N PRO A 140 -12.37 17.72 9.93
CA PRO A 140 -12.19 18.83 10.86
C PRO A 140 -11.16 18.39 11.91
N VAL A 141 -10.06 19.12 12.06
CA VAL A 141 -9.05 18.76 13.04
C VAL A 141 -9.10 19.70 14.23
N GLN A 142 -9.18 19.11 15.41
CA GLN A 142 -9.24 19.83 16.67
C GLN A 142 -7.98 19.40 17.41
N THR A 143 -7.51 20.24 18.32
CA THR A 143 -6.29 19.95 19.05
C THR A 143 -6.57 19.88 20.56
N TYR A 144 -5.78 19.10 21.28
CA TYR A 144 -5.89 19.02 22.73
C TYR A 144 -4.48 19.19 23.27
N ARG A 145 -4.36 19.94 24.37
CA ARG A 145 -3.09 20.22 24.99
C ARG A 145 -2.40 18.92 25.42
N TYR A 146 -1.08 18.90 25.33
CA TYR A 146 -0.34 17.70 25.70
C TYR A 146 1.06 17.99 26.22
N PHE A 147 1.92 18.54 25.37
CA PHE A 147 3.29 18.83 25.77
C PHE A 147 3.42 20.13 26.56
N ASP A 148 3.93 20.04 27.78
CA ASP A 148 4.14 21.23 28.59
C ASP A 148 5.57 21.65 28.28
N ALA A 149 5.71 22.77 27.58
CA ALA A 149 7.01 23.29 27.17
C ALA A 149 8.02 23.56 28.30
N GLU A 150 7.54 23.87 29.50
CA GLU A 150 8.43 24.16 30.63
C GLU A 150 9.02 22.97 31.36
N THR A 151 8.24 21.90 31.50
CA THR A 151 8.68 20.70 32.20
C THR A 151 8.98 19.56 31.24
N ARG A 152 8.59 19.73 29.97
CA ARG A 152 8.78 18.72 28.95
C ARG A 152 8.02 17.45 29.28
N GLY A 153 7.01 17.57 30.14
CA GLY A 153 6.20 16.42 30.52
C GLY A 153 4.81 16.57 29.94
N VAL A 154 3.83 15.83 30.46
CA VAL A 154 2.46 15.93 29.96
C VAL A 154 1.61 16.90 30.75
N ASP A 155 1.07 17.89 30.05
CA ASP A 155 0.17 18.89 30.64
C ASP A 155 -1.18 18.17 30.70
N PHE A 156 -1.32 17.29 31.69
CA PHE A 156 -2.53 16.50 31.84
C PHE A 156 -3.82 17.26 32.13
N GLU A 157 -3.75 18.29 32.97
CA GLU A 157 -4.94 19.08 33.29
C GLU A 157 -5.46 19.72 32.02
N GLY A 158 -4.55 20.18 31.17
CA GLY A 158 -4.94 20.82 29.93
C GLY A 158 -5.53 19.81 28.96
N MET A 159 -4.91 18.64 28.90
CA MET A 159 -5.37 17.56 28.02
C MET A 159 -6.82 17.18 28.32
N LYS A 160 -7.11 16.89 29.57
CA LYS A 160 -8.47 16.50 29.93
C LYS A 160 -9.49 17.62 29.84
N ALA A 161 -9.06 18.86 30.12
CA ALA A 161 -9.95 20.01 30.03
C ALA A 161 -10.41 20.15 28.57
N ASP A 162 -9.46 20.01 27.64
CA ASP A 162 -9.73 20.09 26.21
C ASP A 162 -10.53 18.91 25.66
N LEU A 163 -10.19 17.72 26.11
CA LEU A 163 -10.87 16.53 25.67
C LEU A 163 -12.31 16.49 26.13
N ALA A 164 -12.61 17.24 27.19
CA ALA A 164 -13.98 17.29 27.72
C ALA A 164 -14.93 17.92 26.71
N ALA A 165 -14.37 18.67 25.77
CA ALA A 165 -15.18 19.33 24.75
C ALA A 165 -15.55 18.43 23.57
N ALA A 166 -15.04 17.20 23.57
CA ALA A 166 -15.34 16.26 22.49
C ALA A 166 -16.79 15.81 22.58
N LYS A 167 -17.43 15.67 21.43
CA LYS A 167 -18.83 15.24 21.38
C LYS A 167 -18.92 13.78 20.98
N LYS A 168 -20.09 13.18 21.21
CA LYS A 168 -20.32 11.81 20.85
C LYS A 168 -20.12 11.71 19.34
N GLY A 169 -19.38 10.69 18.91
CA GLY A 169 -19.14 10.53 17.48
C GLY A 169 -17.79 11.03 17.04
N ASP A 170 -17.23 11.99 17.78
CA ASP A 170 -15.93 12.53 17.44
C ASP A 170 -14.86 11.47 17.70
N MET A 171 -13.71 11.61 17.07
CA MET A 171 -12.61 10.67 17.22
C MET A 171 -11.45 11.37 17.91
N VAL A 172 -10.82 10.66 18.84
CA VAL A 172 -9.68 11.18 19.61
C VAL A 172 -8.48 10.29 19.33
N LEU A 173 -7.41 10.89 18.83
CA LEU A 173 -6.20 10.17 18.47
C LEU A 173 -5.17 10.14 19.60
N LEU A 174 -4.88 8.94 20.11
CA LEU A 174 -3.91 8.77 21.17
C LEU A 174 -2.72 7.91 20.72
N HIS A 175 -1.51 8.32 21.09
CA HIS A 175 -0.33 7.53 20.76
C HIS A 175 -0.26 6.52 21.91
N GLY A 176 -0.38 5.23 21.59
CA GLY A 176 -0.36 4.21 22.62
C GLY A 176 0.82 4.27 23.58
N CYS A 177 1.99 4.61 23.06
CA CYS A 177 3.20 4.71 23.87
C CYS A 177 4.29 5.43 23.08
N CYS A 178 5.37 5.81 23.77
CA CYS A 178 6.50 6.50 23.14
C CYS A 178 6.00 7.61 22.23
N HIS A 179 5.38 8.61 22.83
CA HIS A 179 4.82 9.72 22.07
C HIS A 179 5.80 10.41 21.13
N ASN A 180 5.50 10.29 19.85
CA ASN A 180 6.29 10.90 18.79
C ASN A 180 5.60 12.26 18.65
N PRO A 181 6.37 13.36 18.71
CA PRO A 181 7.82 13.44 18.87
C PRO A 181 8.34 13.77 20.27
N THR A 182 7.44 14.11 21.20
CA THR A 182 7.83 14.53 22.54
C THR A 182 8.58 13.58 23.48
N GLY A 183 8.20 12.31 23.50
CA GLY A 183 8.84 11.35 24.38
C GLY A 183 8.13 11.33 25.73
N ALA A 184 7.26 12.31 25.96
CA ALA A 184 6.49 12.43 27.21
C ALA A 184 5.27 11.51 27.11
N ASN A 185 5.11 10.63 28.08
CA ASN A 185 4.00 9.67 28.06
C ASN A 185 3.10 9.68 29.29
N LEU A 186 1.88 9.20 29.11
CA LEU A 186 0.88 9.14 30.17
C LEU A 186 1.14 7.90 31.04
N THR A 187 0.76 7.99 32.30
CA THR A 187 0.92 6.86 33.20
C THR A 187 -0.41 6.09 33.16
N LEU A 188 -0.40 4.86 33.65
CA LEU A 188 -1.60 4.03 33.65
C LEU A 188 -2.77 4.68 34.37
N ASP A 189 -2.49 5.43 35.43
CA ASP A 189 -3.53 6.11 36.19
C ASP A 189 -4.11 7.25 35.35
N GLN A 190 -3.28 7.89 34.54
CA GLN A 190 -3.77 8.96 33.70
C GLN A 190 -4.60 8.35 32.59
N TRP A 191 -4.15 7.23 32.04
CA TRP A 191 -4.90 6.52 31.00
C TRP A 191 -6.28 6.19 31.55
N ALA A 192 -6.33 5.75 32.82
CA ALA A 192 -7.60 5.39 33.46
C ALA A 192 -8.53 6.60 33.51
N GLU A 193 -7.97 7.77 33.76
CA GLU A 193 -8.77 8.98 33.79
C GLU A 193 -9.24 9.30 32.37
N ILE A 194 -8.35 9.17 31.40
CA ILE A 194 -8.72 9.43 30.00
C ILE A 194 -9.89 8.53 29.64
N ALA A 195 -9.82 7.28 30.08
CA ALA A 195 -10.86 6.29 29.83
C ALA A 195 -12.21 6.80 30.31
N SER A 196 -12.21 7.40 31.50
CA SER A 196 -13.44 7.93 32.09
C SER A 196 -14.00 9.09 31.28
N ILE A 197 -13.11 9.88 30.70
CA ILE A 197 -13.51 11.03 29.89
C ILE A 197 -14.12 10.52 28.59
N LEU A 198 -13.43 9.59 27.93
CA LEU A 198 -13.91 9.02 26.68
C LEU A 198 -15.28 8.38 26.86
N GLU A 199 -15.45 7.67 27.98
CA GLU A 199 -16.70 6.99 28.29
C GLU A 199 -17.79 8.06 28.43
N LYS A 200 -17.46 9.13 29.14
CA LYS A 200 -18.40 10.22 29.38
C LYS A 200 -18.81 10.96 28.11
N THR A 201 -17.84 11.25 27.25
CA THR A 201 -18.11 11.97 26.00
C THR A 201 -18.66 11.11 24.88
N GLY A 202 -18.31 9.82 24.88
CA GLY A 202 -18.79 8.93 23.84
C GLY A 202 -17.95 9.06 22.58
N ALA A 203 -16.74 9.58 22.72
CA ALA A 203 -15.83 9.77 21.60
C ALA A 203 -15.15 8.43 21.32
N LEU A 204 -14.82 8.20 20.05
CA LEU A 204 -14.17 6.97 19.62
C LEU A 204 -12.66 7.13 19.59
N PRO A 205 -11.94 6.42 20.47
CA PRO A 205 -10.48 6.52 20.51
C PRO A 205 -9.75 5.78 19.39
N LEU A 206 -8.84 6.48 18.72
CA LEU A 206 -8.03 5.90 17.67
C LEU A 206 -6.61 5.84 18.25
N ILE A 207 -6.15 4.63 18.54
CA ILE A 207 -4.82 4.46 19.10
C ILE A 207 -3.74 4.14 18.07
N ASP A 208 -2.71 4.97 18.04
CA ASP A 208 -1.57 4.80 17.13
C ASP A 208 -0.47 4.05 17.88
N LEU A 209 -0.31 2.76 17.57
CA LEU A 209 0.71 1.92 18.21
C LEU A 209 1.86 1.60 17.25
N ALA A 210 2.88 2.47 17.22
CA ALA A 210 4.02 2.27 16.33
C ALA A 210 5.32 1.85 17.01
N TYR A 211 5.35 1.86 18.35
CA TYR A 211 6.58 1.52 19.08
C TYR A 211 6.45 0.54 20.23
N GLN A 212 5.58 -0.45 20.12
CA GLN A 212 5.44 -1.42 21.21
C GLN A 212 6.77 -2.14 21.36
N GLY A 213 7.35 -2.03 22.55
CA GLY A 213 8.61 -2.67 22.84
C GLY A 213 9.79 -1.73 22.96
N PHE A 214 9.60 -0.47 22.60
CA PHE A 214 10.68 0.52 22.67
C PHE A 214 10.68 1.37 23.95
N GLY A 215 9.62 1.26 24.74
CA GLY A 215 9.53 2.04 25.95
C GLY A 215 9.97 1.27 27.17
N ASP A 216 9.04 0.55 27.79
CA ASP A 216 9.32 -0.25 28.98
C ASP A 216 9.22 -1.76 28.75
N GLY A 217 8.92 -2.16 27.51
CA GLY A 217 8.81 -3.58 27.19
C GLY A 217 7.50 -3.86 26.46
N LEU A 218 7.40 -5.02 25.80
CA LEU A 218 6.19 -5.39 25.06
C LEU A 218 4.88 -5.23 25.82
N GLU A 219 4.69 -6.03 26.88
CA GLU A 219 3.47 -5.98 27.68
C GLU A 219 3.23 -4.61 28.30
N GLU A 220 4.30 -4.01 28.83
CA GLU A 220 4.21 -2.71 29.48
C GLU A 220 3.71 -1.62 28.54
N ASP A 221 4.24 -1.61 27.32
CA ASP A 221 3.87 -0.62 26.32
C ASP A 221 2.45 -0.75 25.80
N ALA A 222 1.85 -1.93 25.97
CA ALA A 222 0.48 -2.18 25.52
C ALA A 222 -0.53 -1.96 26.64
N ALA A 223 -0.03 -1.75 27.85
CA ALA A 223 -0.88 -1.55 29.02
C ALA A 223 -2.00 -0.54 28.79
N GLY A 224 -1.64 0.69 28.43
CA GLY A 224 -2.63 1.72 28.19
C GLY A 224 -3.64 1.33 27.13
N THR A 225 -3.16 0.67 26.08
CA THR A 225 -4.02 0.23 24.99
C THR A 225 -5.03 -0.81 25.50
N ARG A 226 -4.57 -1.68 26.38
CA ARG A 226 -5.43 -2.74 26.93
C ARG A 226 -6.47 -2.21 27.91
N LEU A 227 -6.09 -1.22 28.71
CA LEU A 227 -7.01 -0.64 29.66
C LEU A 227 -8.18 -0.04 28.90
N ILE A 228 -7.90 0.72 27.86
CA ILE A 228 -8.97 1.32 27.06
C ILE A 228 -9.80 0.27 26.32
N ALA A 229 -9.15 -0.79 25.84
CA ALA A 229 -9.85 -1.84 25.12
C ALA A 229 -10.90 -2.51 26.01
N SER A 230 -10.60 -2.61 27.31
CA SER A 230 -11.54 -3.24 28.23
C SER A 230 -12.61 -2.28 28.74
N ARG A 231 -12.26 -1.02 28.91
CA ARG A 231 -13.21 -0.02 29.40
C ARG A 231 -14.18 0.46 28.30
N ILE A 232 -13.62 0.82 27.14
CA ILE A 232 -14.40 1.32 26.01
C ILE A 232 -14.75 0.19 25.05
N PRO A 233 -16.04 0.03 24.72
CA PRO A 233 -16.56 -1.01 23.82
C PRO A 233 -16.21 -0.91 22.33
N GLU A 234 -15.91 0.30 21.86
CA GLU A 234 -15.59 0.48 20.45
C GLU A 234 -14.26 1.22 20.40
N VAL A 235 -13.24 0.52 19.91
CA VAL A 235 -11.89 1.07 19.83
C VAL A 235 -11.25 0.72 18.50
N LEU A 236 -10.45 1.64 17.97
CA LEU A 236 -9.74 1.44 16.71
C LEU A 236 -8.26 1.51 17.06
N ILE A 237 -7.47 0.57 16.56
CA ILE A 237 -6.03 0.56 16.85
C ILE A 237 -5.23 0.37 15.57
N ALA A 238 -4.30 1.29 15.33
CA ALA A 238 -3.44 1.23 14.15
C ALA A 238 -2.03 0.88 14.57
N ALA A 239 -1.60 -0.35 14.30
CA ALA A 239 -0.26 -0.79 14.68
C ALA A 239 0.73 -0.79 13.53
N SER A 240 2.00 -0.59 13.87
CA SER A 240 3.08 -0.59 12.89
C SER A 240 4.12 -1.67 13.27
N CYS A 241 4.69 -2.32 12.26
CA CYS A 241 5.70 -3.34 12.47
C CYS A 241 7.03 -2.87 11.92
N SER A 242 7.04 -1.65 11.38
CA SER A 242 8.23 -1.05 10.80
C SER A 242 9.41 -0.95 11.76
N LYS A 243 9.18 -0.35 12.93
CA LYS A 243 10.23 -0.16 13.92
C LYS A 243 10.55 -1.34 14.85
N ASN A 244 9.55 -1.85 15.57
CA ASN A 244 9.77 -2.96 16.49
C ASN A 244 10.26 -4.24 15.82
N PHE A 245 10.06 -4.36 14.51
CA PHE A 245 10.54 -5.51 13.75
C PHE A 245 11.65 -5.07 12.79
N GLY A 246 11.85 -3.75 12.68
CA GLY A 246 12.89 -3.23 11.81
C GLY A 246 12.67 -3.53 10.35
N ILE A 247 11.41 -3.63 9.93
CA ILE A 247 11.08 -3.90 8.53
C ILE A 247 10.43 -2.68 7.88
N TYR A 248 10.99 -1.51 8.17
CA TYR A 248 10.51 -0.23 7.67
C TYR A 248 10.00 -0.25 6.22
N ARG A 249 10.85 -0.67 5.29
CA ARG A 249 10.49 -0.70 3.87
C ARG A 249 9.49 -1.75 3.39
N GLU A 250 9.30 -2.82 4.16
CA GLU A 250 8.37 -3.87 3.78
C GLU A 250 6.93 -3.36 3.78
N ARG A 251 6.67 -2.33 4.60
CA ARG A 251 5.36 -1.70 4.73
C ARG A 251 4.33 -2.64 5.36
N THR A 252 4.46 -2.88 6.66
CA THR A 252 3.60 -3.80 7.39
C THR A 252 2.95 -3.24 8.66
N GLY A 253 1.63 -3.37 8.75
CA GLY A 253 0.91 -2.90 9.91
C GLY A 253 -0.50 -3.43 9.87
N CYS A 254 -1.30 -3.12 10.88
CA CYS A 254 -2.68 -3.62 10.87
C CYS A 254 -3.64 -2.73 11.64
N LEU A 255 -4.89 -2.76 11.23
CA LEU A 255 -5.93 -1.97 11.85
C LEU A 255 -6.84 -2.95 12.57
N LEU A 256 -7.02 -2.74 13.86
CA LEU A 256 -7.90 -3.58 14.67
C LEU A 256 -9.10 -2.74 15.03
N ALA A 257 -10.29 -3.29 14.79
CA ALA A 257 -11.52 -2.60 15.11
C ALA A 257 -12.24 -3.43 16.17
N LEU A 258 -12.21 -2.95 17.41
CA LEU A 258 -12.88 -3.63 18.50
C LEU A 258 -14.31 -3.14 18.48
N CYS A 259 -15.25 -4.07 18.37
CA CYS A 259 -16.66 -3.73 18.30
C CYS A 259 -17.48 -4.16 19.50
N ALA A 260 -18.61 -3.50 19.67
CA ALA A 260 -19.53 -3.77 20.77
C ALA A 260 -20.23 -5.12 20.65
N ASP A 261 -20.26 -5.68 19.44
CA ASP A 261 -20.90 -6.98 19.24
C ASP A 261 -20.47 -7.64 17.94
N ALA A 262 -20.75 -8.94 17.82
CA ALA A 262 -20.39 -9.73 16.65
C ALA A 262 -21.06 -9.28 15.35
N ALA A 263 -22.29 -8.76 15.45
CA ALA A 263 -22.99 -8.30 14.26
C ALA A 263 -22.23 -7.12 13.67
N THR A 264 -21.77 -6.23 14.55
CA THR A 264 -21.01 -5.05 14.17
C THR A 264 -19.64 -5.47 13.64
N ARG A 265 -19.10 -6.57 14.18
CA ARG A 265 -17.80 -7.04 13.74
C ARG A 265 -17.83 -7.43 12.26
N GLU A 266 -18.83 -8.20 11.86
CA GLU A 266 -18.96 -8.64 10.47
C GLU A 266 -19.17 -7.44 9.58
N LEU A 267 -19.90 -6.47 10.11
CA LEU A 267 -20.18 -5.23 9.38
C LEU A 267 -18.90 -4.42 9.18
N ALA A 268 -18.07 -4.35 10.23
CA ALA A 268 -16.81 -3.62 10.15
C ALA A 268 -15.80 -4.34 9.27
N GLN A 269 -15.68 -5.66 9.46
CA GLN A 269 -14.75 -6.46 8.70
C GLN A 269 -15.04 -6.42 7.20
N GLY A 270 -16.31 -6.44 6.86
CA GLY A 270 -16.70 -6.38 5.46
C GLY A 270 -16.32 -5.05 4.86
N ALA A 271 -16.45 -3.97 5.64
CA ALA A 271 -16.14 -2.64 5.16
C ALA A 271 -14.64 -2.43 5.05
N MET A 272 -13.89 -3.01 5.97
CA MET A 272 -12.44 -2.91 5.96
C MET A 272 -11.92 -3.59 4.69
N ALA A 273 -12.43 -4.79 4.41
CA ALA A 273 -12.03 -5.54 3.21
C ALA A 273 -12.32 -4.74 1.94
N PHE A 274 -13.48 -4.11 1.91
CA PHE A 274 -13.92 -3.26 0.81
C PHE A 274 -12.92 -2.11 0.60
N LEU A 275 -12.52 -1.49 1.70
CA LEU A 275 -11.58 -0.36 1.68
C LEU A 275 -10.24 -0.71 1.03
N ASN A 276 -9.67 -1.85 1.40
CA ASN A 276 -8.40 -2.28 0.79
C ASN A 276 -8.59 -2.45 -0.71
N ARG A 277 -9.65 -3.17 -1.10
CA ARG A 277 -9.96 -3.43 -2.51
C ARG A 277 -10.13 -2.17 -3.35
N GLN A 278 -10.68 -1.12 -2.76
CA GLN A 278 -10.91 0.13 -3.47
C GLN A 278 -9.66 1.03 -3.52
N THR A 279 -8.66 0.71 -2.70
CA THR A 279 -7.44 1.50 -2.65
C THR A 279 -6.26 0.87 -3.40
N TYR A 280 -6.01 -0.40 -3.12
CA TYR A 280 -4.90 -1.11 -3.75
C TYR A 280 -5.13 -2.60 -3.82
N SER A 281 -6.35 -3.03 -3.51
CA SER A 281 -6.71 -4.45 -3.51
C SER A 281 -5.98 -5.19 -2.39
N PHE A 282 -5.43 -6.36 -2.68
CA PHE A 282 -4.73 -7.18 -1.70
C PHE A 282 -3.56 -6.42 -1.07
N PRO A 283 -3.34 -6.62 0.24
CA PRO A 283 -2.23 -5.95 0.93
C PRO A 283 -0.93 -6.73 0.72
N PRO A 284 0.23 -6.05 0.85
CA PRO A 284 1.54 -6.70 0.67
C PRO A 284 1.78 -7.86 1.63
N PHE A 285 2.17 -8.99 1.05
CA PHE A 285 2.40 -10.23 1.78
C PHE A 285 3.72 -10.39 2.56
N HIS A 286 4.85 -10.12 1.91
CA HIS A 286 6.16 -10.32 2.50
C HIS A 286 6.41 -9.95 3.97
N GLY A 287 6.28 -8.67 4.30
CA GLY A 287 6.51 -8.22 5.67
C GLY A 287 5.61 -8.85 6.72
N ALA A 288 4.34 -9.01 6.36
CA ALA A 288 3.37 -9.61 7.28
C ALA A 288 3.73 -11.08 7.53
N LYS A 289 4.14 -11.76 6.46
CA LYS A 289 4.53 -13.15 6.55
C LYS A 289 5.77 -13.31 7.42
N ILE A 290 6.68 -12.33 7.35
CA ILE A 290 7.89 -12.35 8.17
C ILE A 290 7.47 -12.27 9.64
N VAL A 291 6.61 -11.30 9.94
CA VAL A 291 6.10 -11.08 11.29
C VAL A 291 5.39 -12.31 11.89
N SER A 292 4.37 -12.81 11.20
CA SER A 292 3.63 -13.97 11.68
C SER A 292 4.56 -15.16 11.92
N THR A 293 5.54 -15.34 11.04
CA THR A 293 6.50 -16.42 11.15
C THR A 293 7.33 -16.26 12.42
N VAL A 294 7.77 -15.04 12.69
CA VAL A 294 8.56 -14.79 13.90
C VAL A 294 7.71 -15.03 15.15
N LEU A 295 6.50 -14.50 15.14
CA LEU A 295 5.59 -14.65 16.27
C LEU A 295 5.10 -16.06 16.54
N THR A 296 4.95 -16.86 15.48
CA THR A 296 4.47 -18.23 15.64
C THR A 296 5.58 -19.24 15.86
N THR A 297 6.79 -18.94 15.39
CA THR A 297 7.93 -19.83 15.56
C THR A 297 8.68 -19.49 16.85
N PRO A 298 8.42 -20.26 17.93
CA PRO A 298 9.01 -20.09 19.26
C PRO A 298 10.50 -19.67 19.30
N GLU A 299 11.35 -20.41 18.60
CA GLU A 299 12.78 -20.09 18.57
C GLU A 299 13.01 -18.68 18.04
N LEU A 300 12.28 -18.32 16.98
CA LEU A 300 12.40 -17.01 16.38
C LEU A 300 11.84 -15.94 17.31
N ARG A 301 10.62 -16.14 17.76
CA ARG A 301 9.96 -15.21 18.67
C ARG A 301 10.89 -14.82 19.80
N ALA A 302 11.45 -15.82 20.48
CA ALA A 302 12.35 -15.60 21.60
C ALA A 302 13.55 -14.74 21.21
N ASP A 303 14.17 -15.04 20.08
CA ASP A 303 15.33 -14.28 19.64
C ASP A 303 14.96 -12.84 19.32
N TRP A 304 13.78 -12.66 18.73
CA TRP A 304 13.29 -11.33 18.38
C TRP A 304 13.10 -10.48 19.63
N MET A 305 12.40 -11.03 20.62
CA MET A 305 12.16 -10.30 21.86
C MET A 305 13.47 -9.99 22.58
N ALA A 306 14.43 -10.90 22.50
CA ALA A 306 15.73 -10.69 23.13
C ALA A 306 16.46 -9.54 22.45
N GLU A 307 16.34 -9.46 21.13
CA GLU A 307 16.99 -8.36 20.41
C GLU A 307 16.28 -7.05 20.69
N LEU A 308 14.96 -7.06 20.75
CA LEU A 308 14.22 -5.84 21.03
C LEU A 308 14.63 -5.39 22.43
N GLU A 309 14.64 -6.34 23.37
CA GLU A 309 15.01 -6.11 24.76
C GLU A 309 16.33 -5.38 24.87
N ALA A 310 17.35 -5.90 24.20
CA ALA A 310 18.68 -5.31 24.20
C ALA A 310 18.63 -3.89 23.64
N VAL A 311 17.86 -3.71 22.57
CA VAL A 311 17.73 -2.40 21.92
C VAL A 311 17.11 -1.37 22.87
N ARG A 312 16.06 -1.79 23.57
CA ARG A 312 15.36 -0.93 24.52
C ARG A 312 16.32 -0.53 25.65
N SER A 313 16.98 -1.52 26.25
CA SER A 313 17.92 -1.27 27.34
C SER A 313 19.05 -0.37 26.94
N GLY A 314 19.55 -0.53 25.72
CA GLY A 314 20.63 0.31 25.24
C GLY A 314 20.22 1.78 25.21
N MET A 315 19.08 2.07 24.59
CA MET A 315 18.58 3.44 24.50
C MET A 315 18.28 4.01 25.88
N LEU A 316 17.80 3.16 26.78
CA LEU A 316 17.48 3.61 28.13
C LEU A 316 18.72 4.07 28.89
N ARG A 317 19.78 3.27 28.87
CA ARG A 317 21.00 3.65 29.57
C ARG A 317 21.62 4.87 28.88
N LEU A 318 21.38 4.98 27.58
CA LEU A 318 21.89 6.10 26.79
C LEU A 318 21.20 7.39 27.27
N ARG A 319 19.93 7.28 27.67
CA ARG A 319 19.19 8.43 28.19
C ARG A 319 19.79 8.84 29.53
N GLU A 320 20.13 7.85 30.34
CA GLU A 320 20.72 8.09 31.66
C GLU A 320 22.09 8.75 31.52
N GLN A 321 22.88 8.29 30.56
CA GLN A 321 24.19 8.87 30.30
C GLN A 321 24.03 10.36 30.01
N LEU A 322 23.17 10.68 29.05
CA LEU A 322 22.93 12.06 28.67
C LEU A 322 22.40 12.89 29.84
N ALA A 323 21.39 12.38 30.54
CA ALA A 323 20.81 13.07 31.68
C ALA A 323 21.86 13.33 32.76
N GLY A 324 22.76 12.37 32.94
CA GLY A 324 23.82 12.51 33.94
C GLY A 324 24.83 13.54 33.49
N GLU A 325 25.18 13.51 32.21
CA GLU A 325 26.14 14.45 31.66
C GLU A 325 25.59 15.85 31.87
N LEU A 326 24.31 16.05 31.55
CA LEU A 326 23.67 17.34 31.72
C LEU A 326 23.63 17.73 33.19
N ARG A 327 23.46 16.74 34.07
CA ARG A 327 23.41 16.98 35.51
C ARG A 327 24.75 17.58 35.96
N ASP A 328 25.84 16.91 35.60
CA ASP A 328 27.18 17.37 35.95
C ASP A 328 27.49 18.74 35.37
N LEU A 329 27.02 18.99 34.16
CA LEU A 329 27.27 20.26 33.48
C LEU A 329 26.43 21.45 33.95
N SER A 330 25.17 21.22 34.28
CA SER A 330 24.31 22.31 34.71
C SER A 330 24.33 22.54 36.21
N GLY A 331 24.63 21.50 36.97
CA GLY A 331 24.65 21.61 38.41
C GLY A 331 23.21 21.64 38.92
N SER A 332 22.31 21.05 38.14
CA SER A 332 20.90 21.00 38.50
C SER A 332 20.25 19.77 37.85
N ASP A 333 19.04 19.46 38.30
CA ASP A 333 18.29 18.33 37.78
C ASP A 333 17.28 18.77 36.72
N ARG A 334 17.54 19.92 36.12
CA ARG A 334 16.67 20.52 35.11
C ARG A 334 16.39 19.67 33.86
N PHE A 335 17.37 18.88 33.44
CA PHE A 335 17.21 18.02 32.27
C PHE A 335 16.91 16.58 32.65
N GLY A 336 16.39 16.40 33.87
CA GLY A 336 16.06 15.08 34.34
C GLY A 336 14.99 14.41 33.51
N PHE A 337 14.19 15.22 32.81
CA PHE A 337 13.11 14.71 31.97
C PHE A 337 13.63 13.76 30.90
N VAL A 338 14.86 13.99 30.46
CA VAL A 338 15.49 13.17 29.44
C VAL A 338 15.47 11.68 29.83
N ALA A 339 15.70 11.43 31.12
CA ALA A 339 15.72 10.09 31.65
C ALA A 339 14.33 9.50 31.90
N GLU A 340 13.33 10.37 32.04
CA GLU A 340 11.96 9.92 32.28
C GLU A 340 11.24 9.63 30.97
N HIS A 341 11.61 10.37 29.93
CA HIS A 341 11.01 10.20 28.62
C HIS A 341 11.26 8.78 28.14
N ARG A 342 10.29 8.22 27.42
CA ARG A 342 10.41 6.87 26.89
C ARG A 342 10.21 6.94 25.39
N GLY A 343 10.95 6.12 24.68
CA GLY A 343 10.84 6.09 23.24
C GLY A 343 12.16 6.38 22.55
N MET A 344 12.08 6.51 21.23
CA MET A 344 13.24 6.78 20.41
C MET A 344 13.51 8.28 20.29
N PHE A 345 12.47 9.08 20.48
CA PHE A 345 12.58 10.54 20.38
C PHE A 345 12.38 11.24 21.69
N SER A 346 12.78 12.51 21.71
CA SER A 346 12.65 13.34 22.89
C SER A 346 12.72 14.79 22.44
N ARG A 347 11.87 15.64 23.00
CA ARG A 347 11.89 17.06 22.66
C ARG A 347 12.66 17.80 23.75
N LEU A 348 13.74 18.48 23.36
CA LEU A 348 14.56 19.23 24.31
C LEU A 348 13.86 20.48 24.86
N GLY A 349 12.96 21.05 24.08
CA GLY A 349 12.28 22.26 24.50
C GLY A 349 13.03 23.50 24.04
N ALA A 350 13.93 23.34 23.06
CA ALA A 350 14.70 24.46 22.52
C ALA A 350 13.86 25.19 21.48
N THR A 351 14.06 26.49 21.37
CA THR A 351 13.34 27.30 20.39
C THR A 351 14.12 27.25 19.08
N PRO A 352 13.51 27.71 17.97
CA PRO A 352 14.19 27.71 16.68
C PRO A 352 15.56 28.43 16.69
N GLU A 353 15.66 29.56 17.40
CA GLU A 353 16.93 30.28 17.47
C GLU A 353 17.97 29.35 18.10
N GLN A 354 17.58 28.74 19.22
CA GLN A 354 18.46 27.82 19.94
C GLN A 354 18.85 26.64 19.08
N VAL A 355 17.87 26.05 18.40
CA VAL A 355 18.11 24.91 17.52
C VAL A 355 19.10 25.28 16.44
N LYS A 356 18.96 26.47 15.85
CA LYS A 356 19.89 26.86 14.81
C LYS A 356 21.24 27.36 15.35
N ARG A 357 21.25 27.85 16.59
CA ARG A 357 22.49 28.31 17.21
C ARG A 357 23.34 27.09 17.49
N ILE A 358 22.69 25.99 17.86
CA ILE A 358 23.37 24.73 18.13
C ILE A 358 23.99 24.20 16.84
N LYS A 359 23.21 24.24 15.76
CA LYS A 359 23.64 23.78 14.46
C LYS A 359 24.84 24.59 13.93
N GLU A 360 24.67 25.90 13.81
CA GLU A 360 25.74 26.76 13.29
C GLU A 360 26.97 26.89 14.19
N GLU A 361 26.82 26.69 15.49
CA GLU A 361 27.95 26.79 16.40
C GLU A 361 28.56 25.44 16.79
N PHE A 362 27.74 24.39 16.80
CA PHE A 362 28.22 23.07 17.19
C PHE A 362 28.18 21.96 16.14
N GLY A 363 27.55 22.23 15.01
CA GLY A 363 27.47 21.23 13.95
C GLY A 363 26.49 20.12 14.24
N ILE A 364 25.69 20.27 15.29
CA ILE A 364 24.72 19.26 15.66
C ILE A 364 23.36 19.57 15.02
N TYR A 365 22.90 18.66 14.18
CA TYR A 365 21.62 18.81 13.49
C TYR A 365 20.49 18.08 14.22
N MET A 366 19.30 18.67 14.18
CA MET A 366 18.12 18.09 14.81
C MET A 366 16.90 18.69 14.14
N VAL A 367 15.74 18.09 14.39
CA VAL A 367 14.50 18.57 13.81
C VAL A 367 14.21 19.96 14.38
N GLY A 368 13.65 20.83 13.55
CA GLY A 368 13.35 22.19 13.96
C GLY A 368 12.59 22.42 15.26
N ASP A 369 11.87 21.41 15.74
CA ASP A 369 11.12 21.53 16.97
C ASP A 369 11.89 20.98 18.16
N SER A 370 13.21 20.87 18.00
CA SER A 370 14.12 20.36 19.02
C SER A 370 13.91 18.88 19.36
N ARG A 371 13.45 18.10 18.38
CA ARG A 371 13.24 16.67 18.56
C ARG A 371 14.51 15.93 18.18
N ILE A 372 15.05 15.17 19.12
CA ILE A 372 16.26 14.40 18.86
C ILE A 372 15.96 12.91 18.87
N ASN A 373 16.86 12.15 18.25
CA ASN A 373 16.74 10.72 18.21
C ASN A 373 17.82 10.21 19.14
N ILE A 374 17.40 9.55 20.21
CA ILE A 374 18.32 9.02 21.21
C ILE A 374 19.30 7.99 20.60
N ALA A 375 18.81 7.20 19.66
CA ALA A 375 19.62 6.19 19.00
C ALA A 375 20.85 6.75 18.29
N GLY A 376 20.78 8.02 17.91
CA GLY A 376 21.90 8.65 17.23
C GLY A 376 22.99 9.15 18.16
N LEU A 377 22.90 8.78 19.44
CA LEU A 377 23.88 9.20 20.43
C LEU A 377 24.84 8.07 20.79
N ASN A 378 25.97 8.43 21.39
CA ASN A 378 26.98 7.47 21.83
C ASN A 378 27.95 8.20 22.77
N ASP A 379 28.97 7.51 23.24
CA ASP A 379 29.95 8.09 24.15
C ASP A 379 30.69 9.29 23.59
N ASN A 380 30.86 9.32 22.27
CA ASN A 380 31.53 10.43 21.61
C ASN A 380 30.59 11.63 21.51
N THR A 381 29.37 11.39 21.07
CA THR A 381 28.35 12.41 20.86
C THR A 381 27.75 13.05 22.12
N ILE A 382 27.40 12.24 23.11
CA ILE A 382 26.80 12.74 24.35
C ILE A 382 27.50 13.95 24.96
N PRO A 383 28.84 13.90 25.09
CA PRO A 383 29.53 15.05 25.68
C PRO A 383 29.31 16.33 24.88
N ILE A 384 29.44 16.22 23.55
CA ILE A 384 29.26 17.36 22.65
C ILE A 384 27.85 17.94 22.76
N LEU A 385 26.86 17.05 22.64
CA LEU A 385 25.45 17.44 22.70
C LEU A 385 25.09 18.06 24.05
N ALA A 386 25.70 17.54 25.11
CA ALA A 386 25.45 18.06 26.45
C ALA A 386 25.96 19.50 26.53
N ARG A 387 27.16 19.75 26.04
CA ARG A 387 27.71 21.10 26.07
C ARG A 387 26.87 22.07 25.24
N ALA A 388 26.57 21.69 24.00
CA ALA A 388 25.77 22.52 23.11
C ALA A 388 24.49 23.00 23.79
N ILE A 389 23.79 22.08 24.44
CA ILE A 389 22.55 22.39 25.15
C ILE A 389 22.76 23.48 26.21
N ILE A 390 23.79 23.30 27.02
CA ILE A 390 24.12 24.24 28.08
C ILE A 390 24.60 25.59 27.55
N GLU A 391 25.41 25.54 26.49
CA GLU A 391 25.98 26.73 25.88
C GLU A 391 24.97 27.71 25.28
N VAL A 392 23.96 27.19 24.60
CA VAL A 392 22.93 28.03 23.98
C VAL A 392 21.88 28.42 25.01
N GLY A 393 22.06 27.99 26.25
CA GLY A 393 21.12 28.31 27.31
C GLY A 393 19.74 27.76 27.07
N VAL A 394 19.68 26.47 26.76
CA VAL A 394 18.41 25.78 26.51
C VAL A 394 17.79 25.46 27.86
N MET B 1 -20.96 4.23 16.73
CA MET B 1 -20.20 4.55 15.50
C MET B 1 -20.27 3.43 14.46
N LEU B 2 -19.39 2.45 14.58
CA LEU B 2 -19.30 1.34 13.62
C LEU B 2 -20.60 0.60 13.28
N GLY B 3 -21.61 0.73 14.14
CA GLY B 3 -22.88 0.09 13.88
C GLY B 3 -23.65 0.73 12.73
N ASN B 4 -23.27 1.96 12.39
CA ASN B 4 -23.91 2.71 11.31
C ASN B 4 -23.38 2.31 9.94
N LEU B 5 -22.36 1.45 9.91
CA LEU B 5 -21.75 0.98 8.68
C LEU B 5 -22.72 0.18 7.81
N LYS B 6 -22.99 0.67 6.60
CA LYS B 6 -23.88 -0.02 5.67
C LYS B 6 -23.14 -1.23 5.12
N PRO B 7 -23.82 -2.38 4.99
CA PRO B 7 -23.17 -3.57 4.46
C PRO B 7 -22.74 -3.32 3.01
N GLN B 8 -21.55 -3.79 2.66
CA GLN B 8 -20.98 -3.61 1.34
C GLN B 8 -21.08 -4.91 0.52
N ALA B 9 -21.56 -4.78 -0.72
CA ALA B 9 -21.73 -5.93 -1.62
C ALA B 9 -20.40 -6.58 -2.01
N PRO B 10 -20.42 -7.88 -2.32
CA PRO B 10 -19.22 -8.67 -2.71
C PRO B 10 -18.67 -8.28 -4.09
N ASP B 11 -17.40 -8.63 -4.32
CA ASP B 11 -16.73 -8.36 -5.59
C ASP B 11 -17.02 -9.51 -6.54
N LYS B 12 -17.25 -9.20 -7.81
CA LYS B 12 -17.54 -10.20 -8.85
C LYS B 12 -16.59 -11.40 -8.81
N ILE B 13 -15.33 -11.14 -9.13
CA ILE B 13 -14.31 -12.19 -9.18
C ILE B 13 -13.97 -12.77 -7.81
N LEU B 14 -13.58 -11.90 -6.87
CA LEU B 14 -13.19 -12.34 -5.54
C LEU B 14 -14.27 -13.14 -4.80
N ALA B 15 -15.53 -12.94 -5.15
CA ALA B 15 -16.63 -13.65 -4.52
C ALA B 15 -16.59 -15.14 -4.82
N LEU B 16 -16.47 -15.48 -6.11
CA LEU B 16 -16.42 -16.89 -6.51
C LEU B 16 -15.16 -17.55 -5.96
N MET B 17 -14.10 -16.74 -5.77
CA MET B 17 -12.86 -17.24 -5.21
C MET B 17 -13.16 -17.88 -3.85
N GLY B 18 -14.15 -17.31 -3.16
CA GLY B 18 -14.54 -17.82 -1.86
C GLY B 18 -15.56 -18.94 -1.96
N GLU B 19 -16.57 -18.77 -2.81
CA GLU B 19 -17.61 -19.78 -2.98
C GLU B 19 -17.07 -21.05 -3.64
N PHE B 20 -15.87 -20.98 -4.19
CA PHE B 20 -15.23 -22.12 -4.84
C PHE B 20 -14.86 -23.17 -3.80
N GLY B 27 -14.39 -32.87 -7.72
CA GLY B 27 -13.66 -32.36 -8.86
C GLY B 27 -14.24 -31.09 -9.41
N LYS B 28 -13.92 -29.96 -8.77
CA LYS B 28 -14.42 -28.66 -9.19
C LYS B 28 -13.42 -28.05 -10.16
N ILE B 29 -13.92 -27.36 -11.17
CA ILE B 29 -13.05 -26.72 -12.17
C ILE B 29 -13.06 -25.19 -12.00
N ASP B 30 -11.93 -24.66 -11.52
CA ASP B 30 -11.78 -23.23 -11.29
C ASP B 30 -11.39 -22.49 -12.56
N LEU B 31 -12.31 -21.66 -13.06
CA LEU B 31 -12.09 -20.87 -14.26
C LEU B 31 -12.40 -19.40 -13.95
N GLY B 32 -12.18 -19.00 -12.69
CA GLY B 32 -12.49 -17.63 -12.29
C GLY B 32 -11.39 -16.60 -12.23
N VAL B 33 -10.86 -16.38 -11.02
CA VAL B 33 -9.83 -15.37 -10.79
C VAL B 33 -8.69 -15.36 -11.82
N GLY B 34 -8.35 -14.15 -12.25
CA GLY B 34 -7.31 -13.97 -13.24
C GLY B 34 -5.91 -14.26 -12.75
N VAL B 35 -5.58 -15.53 -12.68
CA VAL B 35 -4.26 -15.95 -12.25
C VAL B 35 -3.88 -17.07 -13.21
N TYR B 36 -2.61 -17.12 -13.59
CA TYR B 36 -2.13 -18.16 -14.49
C TYR B 36 -1.86 -19.43 -13.71
N LYS B 37 -2.14 -20.58 -14.31
CA LYS B 37 -1.90 -21.87 -13.67
C LYS B 37 -1.24 -22.80 -14.68
N ASP B 38 -0.34 -23.66 -14.21
CA ASP B 38 0.30 -24.62 -15.09
C ASP B 38 -0.62 -25.84 -15.24
N ALA B 39 -0.21 -26.79 -16.06
CA ALA B 39 -0.99 -28.00 -16.30
C ALA B 39 -1.52 -28.68 -15.03
N THR B 40 -0.77 -28.58 -13.94
CA THR B 40 -1.17 -29.20 -12.68
C THR B 40 -1.98 -28.27 -11.77
N GLY B 41 -2.63 -27.27 -12.36
CA GLY B 41 -3.44 -26.33 -11.59
C GLY B 41 -2.71 -25.58 -10.48
N HIS B 42 -1.48 -25.17 -10.75
CA HIS B 42 -0.70 -24.42 -9.75
C HIS B 42 -0.08 -23.19 -10.40
N THR B 43 -0.05 -22.08 -9.68
CA THR B 43 0.57 -20.87 -10.19
C THR B 43 1.95 -20.85 -9.53
N PRO B 44 2.98 -21.29 -10.28
CA PRO B 44 4.34 -21.34 -9.75
C PRO B 44 5.07 -19.99 -9.64
N ILE B 45 6.16 -19.99 -8.88
CA ILE B 45 6.99 -18.81 -8.72
C ILE B 45 7.99 -18.92 -9.86
N MET B 46 7.99 -17.95 -10.76
CA MET B 46 8.90 -17.95 -11.90
C MET B 46 10.36 -18.14 -11.47
N ARG B 47 11.12 -18.83 -12.31
CA ARG B 47 12.53 -19.10 -12.04
C ARG B 47 13.32 -17.83 -11.71
N ALA B 48 13.38 -16.89 -12.65
CA ALA B 48 14.11 -15.65 -12.45
C ALA B 48 13.69 -14.95 -11.15
N VAL B 49 12.42 -15.06 -10.79
CA VAL B 49 11.91 -14.45 -9.57
C VAL B 49 12.55 -15.12 -8.35
N HIS B 50 12.53 -16.45 -8.33
CA HIS B 50 13.10 -17.20 -7.22
C HIS B 50 14.61 -16.92 -7.10
N ALA B 51 15.28 -16.76 -8.23
CA ALA B 51 16.71 -16.48 -8.26
C ALA B 51 16.98 -15.08 -7.73
N ALA B 52 16.06 -14.15 -8.01
CA ALA B 52 16.18 -12.78 -7.57
C ALA B 52 16.12 -12.70 -6.04
N GLU B 53 15.12 -13.33 -5.46
CA GLU B 53 14.95 -13.35 -4.01
C GLU B 53 16.13 -13.99 -3.28
N GLN B 54 16.72 -15.03 -3.88
CA GLN B 54 17.86 -15.69 -3.26
C GLN B 54 19.01 -14.70 -3.18
N ARG B 55 19.21 -13.94 -4.25
CA ARG B 55 20.28 -12.97 -4.31
C ARG B 55 20.00 -11.80 -3.37
N MET B 56 18.74 -11.43 -3.24
CA MET B 56 18.34 -10.34 -2.36
C MET B 56 18.68 -10.64 -0.92
N LEU B 57 18.27 -11.82 -0.46
CA LEU B 57 18.54 -12.24 0.91
C LEU B 57 20.01 -12.11 1.25
N GLU B 58 20.85 -12.35 0.25
CA GLU B 58 22.29 -12.30 0.43
C GLU B 58 22.93 -10.91 0.38
N THR B 59 22.35 -10.02 -0.41
CA THR B 59 22.92 -8.68 -0.56
C THR B 59 22.42 -7.55 0.33
N GLU B 60 21.12 -7.55 0.64
CA GLU B 60 20.51 -6.50 1.47
C GLU B 60 21.05 -6.43 2.89
N THR B 61 21.43 -5.23 3.31
CA THR B 61 21.98 -5.02 4.65
C THR B 61 21.05 -4.28 5.61
N THR B 62 19.97 -3.71 5.09
CA THR B 62 19.03 -2.95 5.92
C THR B 62 17.63 -2.93 5.31
N LYS B 63 16.67 -2.51 6.13
CA LYS B 63 15.29 -2.40 5.69
C LYS B 63 14.74 -1.01 6.03
N THR B 64 15.65 -0.05 6.16
CA THR B 64 15.28 1.33 6.49
C THR B 64 14.35 1.90 5.44
N TYR B 65 13.72 3.03 5.78
CA TYR B 65 12.83 3.70 4.87
C TYR B 65 13.63 4.02 3.63
N ALA B 66 13.07 3.68 2.49
CA ALA B 66 13.73 3.92 1.22
C ALA B 66 13.12 5.18 0.59
N GLY B 67 12.76 5.10 -0.69
CA GLY B 67 12.21 6.26 -1.37
C GLY B 67 10.70 6.33 -1.40
N LEU B 68 10.18 7.55 -1.40
CA LEU B 68 8.75 7.79 -1.40
C LEU B 68 8.03 7.43 -2.72
N SER B 69 8.70 7.63 -3.85
CA SER B 69 8.09 7.32 -5.15
C SER B 69 8.64 6.01 -5.71
N GLY B 70 9.32 5.24 -4.86
CA GLY B 70 9.91 3.99 -5.29
C GLY B 70 11.41 4.18 -5.42
N GLU B 71 12.08 3.19 -6.00
CA GLU B 71 13.52 3.26 -6.18
C GLU B 71 13.85 3.59 -7.62
N PRO B 72 14.88 4.43 -7.83
CA PRO B 72 15.31 4.86 -9.17
C PRO B 72 15.51 3.71 -10.14
N GLU B 73 16.12 2.63 -9.66
CA GLU B 73 16.37 1.44 -10.47
C GLU B 73 15.05 0.84 -10.96
N PHE B 74 14.03 0.87 -10.12
CA PHE B 74 12.70 0.34 -10.45
C PHE B 74 11.99 1.23 -11.47
N GLN B 75 12.00 2.52 -11.21
CA GLN B 75 11.36 3.51 -12.08
C GLN B 75 11.95 3.49 -13.48
N LYS B 76 13.27 3.41 -13.55
CA LYS B 76 13.98 3.38 -14.83
C LYS B 76 13.71 2.08 -15.59
N ALA B 77 13.80 0.95 -14.88
CA ALA B 77 13.56 -0.37 -15.48
C ALA B 77 12.15 -0.48 -16.03
N MET B 78 11.15 -0.15 -15.21
CA MET B 78 9.75 -0.23 -15.62
C MET B 78 9.43 0.68 -16.80
N GLY B 79 10.04 1.86 -16.82
CA GLY B 79 9.80 2.79 -17.92
C GLY B 79 10.34 2.28 -19.25
N GLU B 80 11.50 1.63 -19.20
CA GLU B 80 12.10 1.09 -20.41
C GLU B 80 11.33 -0.14 -20.89
N LEU B 81 10.80 -0.92 -19.95
CA LEU B 81 10.03 -2.10 -20.28
C LEU B 81 8.77 -1.67 -21.03
N ILE B 82 8.05 -0.72 -20.47
CA ILE B 82 6.81 -0.24 -21.05
C ILE B 82 6.98 0.61 -22.32
N LEU B 83 7.79 1.65 -22.23
CA LEU B 83 7.97 2.57 -23.37
C LEU B 83 9.16 2.31 -24.28
N GLY B 84 9.93 1.28 -24.00
CA GLY B 84 11.09 1.02 -24.83
C GLY B 84 11.92 2.27 -25.03
N ASP B 85 12.37 2.49 -26.25
CA ASP B 85 13.18 3.67 -26.58
C ASP B 85 12.38 4.96 -26.72
N GLY B 86 11.13 4.91 -26.30
CA GLY B 86 10.29 6.09 -26.36
C GLY B 86 10.23 6.73 -24.99
N LEU B 87 11.06 6.24 -24.08
CA LEU B 87 11.08 6.79 -22.73
C LEU B 87 11.80 8.13 -22.67
N LYS B 88 11.00 9.20 -22.66
CA LYS B 88 11.54 10.55 -22.57
C LYS B 88 11.64 10.91 -21.09
N SER B 89 12.71 10.46 -20.45
CA SER B 89 12.95 10.69 -19.02
C SER B 89 12.69 12.11 -18.54
N GLU B 90 13.18 13.10 -19.28
CA GLU B 90 13.03 14.50 -18.91
C GLU B 90 11.58 14.98 -18.82
N THR B 91 10.65 14.18 -19.32
CA THR B 91 9.24 14.56 -19.29
C THR B 91 8.34 13.48 -18.68
N THR B 92 8.94 12.50 -18.00
CA THR B 92 8.20 11.40 -17.41
C THR B 92 8.32 11.30 -15.89
N ALA B 93 7.18 11.18 -15.21
CA ALA B 93 7.16 11.03 -13.76
C ALA B 93 6.82 9.57 -13.46
N THR B 94 7.50 8.98 -12.50
CA THR B 94 7.26 7.59 -12.15
C THR B 94 6.92 7.45 -10.67
N LEU B 95 5.92 6.63 -10.37
CA LEU B 95 5.48 6.43 -8.99
C LEU B 95 5.29 4.94 -8.72
N ALA B 96 6.03 4.40 -7.76
CA ALA B 96 5.89 2.99 -7.42
C ALA B 96 4.59 2.91 -6.61
N THR B 97 3.81 1.87 -6.87
CA THR B 97 2.53 1.72 -6.21
C THR B 97 2.27 0.32 -5.67
N VAL B 98 1.19 0.17 -4.92
CA VAL B 98 0.80 -1.11 -4.37
C VAL B 98 -0.03 -1.80 -5.45
N GLY B 99 0.67 -2.51 -6.33
CA GLY B 99 0.02 -3.24 -7.41
C GLY B 99 -0.55 -2.32 -8.45
N GLY B 100 -1.08 -2.90 -9.52
CA GLY B 100 -1.67 -2.12 -10.59
C GLY B 100 -2.91 -1.39 -10.12
N THR B 101 -3.65 -2.01 -9.21
CA THR B 101 -4.86 -1.42 -8.65
C THR B 101 -4.51 -0.08 -7.99
N GLY B 102 -3.40 -0.07 -7.24
CA GLY B 102 -2.95 1.14 -6.59
C GLY B 102 -2.54 2.17 -7.63
N ALA B 103 -1.95 1.71 -8.73
CA ALA B 103 -1.51 2.58 -9.82
C ALA B 103 -2.73 3.29 -10.41
N LEU B 104 -3.83 2.56 -10.54
CA LEU B 104 -5.08 3.10 -11.07
C LEU B 104 -5.66 4.15 -10.11
N ARG B 105 -5.74 3.80 -8.82
CA ARG B 105 -6.27 4.71 -7.80
C ARG B 105 -5.49 6.02 -7.79
N GLN B 106 -4.18 5.90 -7.71
CA GLN B 106 -3.30 7.06 -7.69
C GLN B 106 -3.51 7.89 -8.97
N ALA B 107 -3.69 7.21 -10.10
CA ALA B 107 -3.92 7.88 -11.38
C ALA B 107 -5.20 8.72 -11.35
N LEU B 108 -6.23 8.14 -10.74
CA LEU B 108 -7.52 8.81 -10.62
C LEU B 108 -7.45 9.99 -9.66
N GLU B 109 -6.66 9.83 -8.60
CA GLU B 109 -6.47 10.90 -7.62
C GLU B 109 -5.68 12.05 -8.22
N LEU B 110 -4.63 11.72 -8.98
CA LEU B 110 -3.78 12.70 -9.63
C LEU B 110 -4.59 13.55 -10.61
N ALA B 111 -5.33 12.86 -11.48
CA ALA B 111 -6.17 13.52 -12.48
C ALA B 111 -7.22 14.41 -11.85
N ARG B 112 -7.89 13.91 -10.80
CA ARG B 112 -8.92 14.70 -10.12
C ARG B 112 -8.35 15.96 -9.48
N MET B 113 -7.12 15.87 -8.96
CA MET B 113 -6.47 17.04 -8.37
C MET B 113 -6.32 18.09 -9.44
N ALA B 114 -5.88 17.68 -10.63
CA ALA B 114 -5.67 18.58 -11.74
C ALA B 114 -6.98 19.06 -12.37
N ASN B 115 -8.02 18.25 -12.26
CA ASN B 115 -9.30 18.61 -12.85
C ASN B 115 -10.48 18.08 -12.04
N PRO B 116 -10.95 18.88 -11.06
CA PRO B 116 -12.07 18.53 -10.20
C PRO B 116 -13.35 18.20 -10.97
N ASP B 117 -13.45 18.65 -12.22
CA ASP B 117 -14.65 18.40 -13.01
C ASP B 117 -14.48 17.36 -14.11
N LEU B 118 -13.70 16.31 -13.86
CA LEU B 118 -13.52 15.31 -14.90
C LEU B 118 -14.42 14.08 -14.84
N ARG B 119 -14.66 13.50 -16.01
CA ARG B 119 -15.46 12.29 -16.18
C ARG B 119 -14.51 11.24 -16.69
N VAL B 120 -14.89 9.97 -16.53
CA VAL B 120 -14.04 8.87 -16.99
C VAL B 120 -14.84 8.02 -17.95
N PHE B 121 -14.26 7.73 -19.11
CA PHE B 121 -14.88 6.89 -20.12
C PHE B 121 -14.25 5.51 -20.00
N VAL B 122 -15.04 4.52 -19.58
CA VAL B 122 -14.56 3.16 -19.44
C VAL B 122 -15.19 2.29 -20.53
N SER B 123 -14.59 1.14 -20.81
CA SER B 123 -15.09 0.26 -21.86
C SER B 123 -16.29 -0.59 -21.47
N ASP B 124 -17.08 -0.97 -22.46
CA ASP B 124 -18.25 -1.80 -22.25
C ASP B 124 -17.96 -3.18 -22.82
N PRO B 125 -17.59 -4.14 -21.97
CA PRO B 125 -17.41 -4.02 -20.53
C PRO B 125 -15.96 -3.69 -20.15
N THR B 126 -15.63 -3.87 -18.87
CA THR B 126 -14.29 -3.62 -18.36
C THR B 126 -14.16 -4.26 -16.98
N TRP B 127 -12.93 -4.32 -16.47
CA TRP B 127 -12.62 -4.88 -15.16
C TRP B 127 -13.53 -4.19 -14.15
N PRO B 128 -14.40 -4.96 -13.48
CA PRO B 128 -15.37 -4.48 -12.48
C PRO B 128 -14.84 -3.53 -11.42
N ASN B 129 -13.62 -3.75 -10.94
CA ASN B 129 -13.05 -2.88 -9.90
C ASN B 129 -12.82 -1.46 -10.43
N HIS B 130 -12.80 -1.30 -11.75
CA HIS B 130 -12.60 0.02 -12.34
C HIS B 130 -13.77 0.90 -11.94
N VAL B 131 -14.98 0.36 -12.07
CA VAL B 131 -16.17 1.12 -11.76
C VAL B 131 -16.41 1.26 -10.26
N SER B 132 -16.12 0.21 -9.49
CA SER B 132 -16.32 0.29 -8.05
C SER B 132 -15.48 1.41 -7.48
N ILE B 133 -14.19 1.43 -7.81
CA ILE B 133 -13.29 2.47 -7.33
C ILE B 133 -13.80 3.85 -7.70
N MET B 134 -14.22 4.02 -8.95
CA MET B 134 -14.71 5.31 -9.43
C MET B 134 -15.95 5.75 -8.66
N ASN B 135 -16.85 4.81 -8.38
CA ASN B 135 -18.06 5.09 -7.62
C ASN B 135 -17.66 5.54 -6.22
N PHE B 136 -16.69 4.84 -5.64
CA PHE B 136 -16.18 5.14 -4.31
C PHE B 136 -15.63 6.57 -4.24
N MET B 137 -14.90 6.96 -5.28
CA MET B 137 -14.34 8.30 -5.36
C MET B 137 -15.41 9.32 -5.73
N GLY B 138 -16.54 8.85 -6.24
CA GLY B 138 -17.61 9.75 -6.63
C GLY B 138 -17.40 10.35 -8.02
N LEU B 139 -16.59 9.68 -8.82
CA LEU B 139 -16.29 10.15 -10.18
C LEU B 139 -17.37 9.66 -11.15
N PRO B 140 -17.94 10.58 -11.96
CA PRO B 140 -18.98 10.24 -12.94
C PRO B 140 -18.43 9.40 -14.08
N VAL B 141 -18.94 8.19 -14.21
CA VAL B 141 -18.48 7.26 -15.23
C VAL B 141 -19.34 7.26 -16.48
N GLN B 142 -18.66 7.19 -17.62
CA GLN B 142 -19.28 7.15 -18.94
C GLN B 142 -18.69 5.91 -19.58
N THR B 143 -19.51 5.11 -20.24
CA THR B 143 -18.98 3.93 -20.90
C THR B 143 -18.86 4.20 -22.40
N TYR B 144 -18.18 3.32 -23.10
CA TYR B 144 -18.05 3.44 -24.54
C TYR B 144 -18.10 2.04 -25.13
N ARG B 145 -18.79 1.90 -26.25
CA ARG B 145 -18.94 0.61 -26.92
C ARG B 145 -17.58 0.06 -27.29
N TYR B 146 -17.37 -1.20 -26.93
CA TYR B 146 -16.11 -1.85 -27.23
C TYR B 146 -16.35 -3.27 -27.72
N PHE B 147 -17.12 -4.04 -26.95
CA PHE B 147 -17.39 -5.41 -27.33
C PHE B 147 -18.65 -5.55 -28.20
N ASP B 148 -18.58 -6.48 -29.15
CA ASP B 148 -19.68 -6.77 -30.05
C ASP B 148 -20.07 -8.20 -29.72
N ALA B 149 -21.08 -8.36 -28.87
CA ALA B 149 -21.55 -9.66 -28.43
C ALA B 149 -21.90 -10.66 -29.55
N GLU B 150 -22.06 -10.14 -30.76
CA GLU B 150 -22.37 -10.96 -31.91
C GLU B 150 -21.11 -11.53 -32.54
N THR B 151 -20.26 -10.64 -33.05
CA THR B 151 -19.01 -11.06 -33.68
C THR B 151 -18.00 -11.48 -32.63
N ARG B 152 -18.32 -11.21 -31.37
CA ARG B 152 -17.45 -11.51 -30.24
C ARG B 152 -16.15 -10.73 -30.39
N GLY B 153 -16.20 -9.67 -31.19
CA GLY B 153 -15.03 -8.84 -31.42
C GLY B 153 -15.25 -7.43 -30.91
N VAL B 154 -14.51 -6.48 -31.47
CA VAL B 154 -14.62 -5.08 -31.07
C VAL B 154 -15.50 -4.27 -32.02
N ASP B 155 -16.50 -3.61 -31.44
CA ASP B 155 -17.42 -2.76 -32.19
C ASP B 155 -16.66 -1.44 -32.36
N PHE B 156 -15.67 -1.44 -33.24
CA PHE B 156 -14.83 -0.27 -33.46
C PHE B 156 -15.60 0.98 -33.84
N GLU B 157 -16.58 0.85 -34.73
CA GLU B 157 -17.39 1.99 -35.17
C GLU B 157 -18.10 2.65 -33.99
N GLY B 158 -18.64 1.82 -33.09
CA GLY B 158 -19.32 2.35 -31.92
C GLY B 158 -18.35 2.99 -30.95
N MET B 159 -17.16 2.41 -30.81
CA MET B 159 -16.13 2.94 -29.93
C MET B 159 -15.70 4.32 -30.36
N LYS B 160 -15.45 4.49 -31.66
CA LYS B 160 -15.06 5.79 -32.20
C LYS B 160 -16.22 6.77 -32.03
N ALA B 161 -17.43 6.28 -32.24
CA ALA B 161 -18.63 7.08 -32.11
C ALA B 161 -18.74 7.66 -30.69
N ASP B 162 -18.59 6.79 -29.71
CA ASP B 162 -18.69 7.20 -28.32
C ASP B 162 -17.55 8.08 -27.86
N LEU B 163 -16.32 7.74 -28.24
CA LEU B 163 -15.16 8.52 -27.82
C LEU B 163 -15.15 9.92 -28.39
N ALA B 164 -15.74 10.10 -29.57
CA ALA B 164 -15.78 11.41 -30.22
C ALA B 164 -16.44 12.48 -29.34
N ALA B 165 -17.28 12.03 -28.41
CA ALA B 165 -17.99 12.93 -27.51
C ALA B 165 -17.14 13.39 -26.33
N ALA B 166 -16.05 12.69 -26.06
CA ALA B 166 -15.17 13.03 -24.96
C ALA B 166 -14.74 14.48 -25.10
N LYS B 167 -14.98 15.27 -24.06
CA LYS B 167 -14.61 16.68 -24.08
C LYS B 167 -13.22 16.85 -23.47
N LYS B 168 -12.55 17.95 -23.81
CA LYS B 168 -11.24 18.22 -23.25
C LYS B 168 -11.38 18.28 -21.73
N GLY B 169 -10.54 17.52 -21.04
CA GLY B 169 -10.61 17.49 -19.59
C GLY B 169 -11.09 16.13 -19.14
N ASP B 170 -11.69 15.38 -20.05
CA ASP B 170 -12.18 14.05 -19.72
C ASP B 170 -11.03 13.06 -19.82
N MET B 171 -11.20 11.93 -19.15
CA MET B 171 -10.20 10.88 -19.15
C MET B 171 -10.82 9.68 -19.84
N VAL B 172 -10.01 8.98 -20.62
CA VAL B 172 -10.49 7.79 -21.33
C VAL B 172 -9.63 6.62 -20.92
N LEU B 173 -10.24 5.63 -20.30
CA LEU B 173 -9.54 4.44 -19.86
C LEU B 173 -9.52 3.35 -20.92
N LEU B 174 -8.32 2.94 -21.33
CA LEU B 174 -8.14 1.90 -22.33
C LEU B 174 -7.24 0.81 -21.75
N HIS B 175 -7.45 -0.42 -22.21
CA HIS B 175 -6.64 -1.55 -21.78
C HIS B 175 -5.52 -1.64 -22.82
N GLY B 176 -4.28 -1.54 -22.36
CA GLY B 176 -3.15 -1.60 -23.27
C GLY B 176 -3.11 -2.83 -24.16
N CYS B 177 -3.57 -3.96 -23.61
CA CYS B 177 -3.60 -5.23 -24.33
C CYS B 177 -4.37 -6.24 -23.51
N CYS B 178 -4.58 -7.43 -24.07
CA CYS B 178 -5.30 -8.52 -23.40
C CYS B 178 -6.46 -8.00 -22.56
N HIS B 179 -7.46 -7.45 -23.25
CA HIS B 179 -8.62 -6.86 -22.61
C HIS B 179 -9.35 -7.76 -21.64
N ASN B 180 -9.43 -7.30 -20.39
CA ASN B 180 -10.14 -7.99 -19.32
C ASN B 180 -11.51 -7.34 -19.38
N PRO B 181 -12.60 -8.13 -19.45
CA PRO B 181 -12.71 -9.60 -19.48
C PRO B 181 -13.00 -10.26 -20.83
N THR B 182 -13.16 -9.48 -21.88
CA THR B 182 -13.51 -10.04 -23.20
C THR B 182 -12.48 -10.81 -23.99
N GLY B 183 -11.24 -10.33 -23.96
CA GLY B 183 -10.20 -11.00 -24.73
C GLY B 183 -10.11 -10.44 -26.13
N ALA B 184 -11.04 -9.55 -26.48
CA ALA B 184 -11.06 -8.92 -27.80
C ALA B 184 -10.11 -7.74 -27.69
N ASN B 185 -9.31 -7.50 -28.71
CA ASN B 185 -8.32 -6.42 -28.67
C ASN B 185 -8.25 -5.61 -29.94
N LEU B 186 -7.78 -4.36 -29.82
CA LEU B 186 -7.64 -3.44 -30.94
C LEU B 186 -6.36 -3.76 -31.71
N THR B 187 -6.36 -3.46 -33.00
CA THR B 187 -5.18 -3.67 -33.84
C THR B 187 -4.42 -2.35 -33.88
N LEU B 188 -3.15 -2.40 -34.28
CA LEU B 188 -2.33 -1.19 -34.33
C LEU B 188 -2.94 -0.07 -35.18
N ASP B 189 -3.65 -0.43 -36.23
CA ASP B 189 -4.28 0.58 -37.08
C ASP B 189 -5.38 1.26 -36.27
N GLN B 190 -6.17 0.44 -35.59
CA GLN B 190 -7.25 0.93 -34.77
C GLN B 190 -6.70 1.83 -33.67
N TRP B 191 -5.55 1.47 -33.11
CA TRP B 191 -4.91 2.28 -32.09
C TRP B 191 -4.55 3.67 -32.63
N ALA B 192 -4.14 3.72 -33.90
CA ALA B 192 -3.77 5.00 -34.50
C ALA B 192 -4.98 5.91 -34.68
N GLU B 193 -6.14 5.32 -34.96
CA GLU B 193 -7.37 6.10 -35.13
C GLU B 193 -7.81 6.71 -33.79
N ILE B 194 -7.70 5.91 -32.73
CA ILE B 194 -8.06 6.37 -31.41
C ILE B 194 -7.14 7.53 -31.06
N ALA B 195 -5.88 7.45 -31.48
CA ALA B 195 -4.94 8.53 -31.23
C ALA B 195 -5.47 9.81 -31.85
N SER B 196 -5.98 9.71 -33.08
CA SER B 196 -6.55 10.87 -33.79
C SER B 196 -7.67 11.46 -32.96
N ILE B 197 -8.61 10.62 -32.56
CA ILE B 197 -9.75 11.03 -31.76
C ILE B 197 -9.31 11.75 -30.47
N LEU B 198 -8.42 11.12 -29.72
CA LEU B 198 -7.92 11.67 -28.47
C LEU B 198 -7.28 13.04 -28.65
N GLU B 199 -6.51 13.20 -29.71
CA GLU B 199 -5.84 14.47 -29.99
C GLU B 199 -6.84 15.54 -30.41
N LYS B 200 -7.87 15.13 -31.15
CA LYS B 200 -8.91 16.06 -31.61
C LYS B 200 -9.76 16.53 -30.43
N THR B 201 -10.08 15.60 -29.53
CA THR B 201 -10.91 15.89 -28.38
C THR B 201 -10.13 16.45 -27.20
N GLY B 202 -8.86 16.04 -27.08
CA GLY B 202 -8.02 16.49 -25.99
C GLY B 202 -8.33 15.82 -24.67
N ALA B 203 -8.75 14.56 -24.73
CA ALA B 203 -9.07 13.80 -23.52
C ALA B 203 -7.80 13.09 -23.05
N LEU B 204 -7.56 13.11 -21.75
CA LEU B 204 -6.37 12.46 -21.17
C LEU B 204 -6.54 10.95 -21.13
N PRO B 205 -5.71 10.21 -21.88
CA PRO B 205 -5.85 8.76 -21.87
C PRO B 205 -5.12 8.09 -20.69
N LEU B 206 -5.81 7.15 -20.05
CA LEU B 206 -5.26 6.39 -18.95
C LEU B 206 -5.22 4.94 -19.45
N ILE B 207 -4.02 4.40 -19.58
CA ILE B 207 -3.85 3.04 -20.05
C ILE B 207 -3.61 2.05 -18.91
N ASP B 208 -4.45 1.03 -18.83
CA ASP B 208 -4.32 -0.01 -17.82
C ASP B 208 -3.47 -1.07 -18.51
N LEU B 209 -2.24 -1.25 -18.03
CA LEU B 209 -1.30 -2.22 -18.59
C LEU B 209 -0.98 -3.29 -17.56
N ALA B 210 -1.78 -4.35 -17.55
CA ALA B 210 -1.61 -5.44 -16.59
C ALA B 210 -1.27 -6.80 -17.20
N TYR B 211 -1.24 -6.90 -18.52
CA TYR B 211 -0.93 -8.17 -19.16
C TYR B 211 0.13 -8.12 -20.25
N GLN B 212 1.09 -7.22 -20.12
CA GLN B 212 2.16 -7.12 -21.10
C GLN B 212 2.96 -8.43 -21.04
N GLY B 213 2.87 -9.20 -22.12
CA GLY B 213 3.59 -10.45 -22.18
C GLY B 213 2.70 -11.65 -22.47
N PHE B 214 1.42 -11.55 -22.12
CA PHE B 214 0.46 -12.64 -22.33
C PHE B 214 -0.25 -12.60 -23.67
N GLY B 215 -0.14 -11.48 -24.37
CA GLY B 215 -0.80 -11.35 -25.65
C GLY B 215 0.00 -11.90 -26.81
N ASP B 216 0.88 -11.06 -27.38
CA ASP B 216 1.71 -11.43 -28.51
C ASP B 216 3.19 -11.16 -28.25
N GLY B 217 3.57 -11.06 -26.98
CA GLY B 217 4.95 -10.79 -26.64
C GLY B 217 5.10 -9.48 -25.91
N LEU B 218 6.18 -9.34 -25.16
CA LEU B 218 6.47 -8.14 -24.38
C LEU B 218 6.44 -6.82 -25.15
N GLU B 219 7.17 -6.78 -26.27
CA GLU B 219 7.25 -5.58 -27.11
C GLU B 219 5.96 -5.30 -27.88
N GLU B 220 5.41 -6.32 -28.50
CA GLU B 220 4.18 -6.19 -29.28
C GLU B 220 3.01 -5.72 -28.43
N ASP B 221 2.89 -6.28 -27.23
CA ASP B 221 1.81 -5.91 -26.32
C ASP B 221 1.90 -4.46 -25.90
N ALA B 222 3.09 -3.88 -26.01
CA ALA B 222 3.29 -2.48 -25.64
C ALA B 222 3.18 -1.54 -26.85
N ALA B 223 2.99 -2.12 -28.03
CA ALA B 223 2.91 -1.35 -29.27
C ALA B 223 1.85 -0.25 -29.20
N GLY B 224 0.60 -0.61 -28.89
CA GLY B 224 -0.46 0.38 -28.81
C GLY B 224 -0.16 1.51 -27.84
N THR B 225 0.40 1.15 -26.69
CA THR B 225 0.76 2.13 -25.67
C THR B 225 1.88 3.07 -26.16
N ARG B 226 2.87 2.51 -26.84
CA ARG B 226 3.98 3.31 -27.35
C ARG B 226 3.48 4.26 -28.44
N LEU B 227 2.52 3.80 -29.24
CA LEU B 227 1.94 4.63 -30.30
C LEU B 227 1.15 5.81 -29.70
N ILE B 228 0.37 5.54 -28.66
CA ILE B 228 -0.40 6.59 -28.01
C ILE B 228 0.54 7.61 -27.39
N ALA B 229 1.60 7.12 -26.75
CA ALA B 229 2.58 7.98 -26.11
C ALA B 229 3.35 8.84 -27.11
N SER B 230 3.50 8.35 -28.34
CA SER B 230 4.22 9.08 -29.37
C SER B 230 3.36 10.19 -29.96
N ARG B 231 2.05 9.96 -29.97
CA ARG B 231 1.11 10.94 -30.51
C ARG B 231 0.61 11.95 -29.49
N ILE B 232 -0.06 11.47 -28.44
CA ILE B 232 -0.60 12.33 -27.40
C ILE B 232 0.48 12.81 -26.44
N PRO B 233 0.59 14.15 -26.26
CA PRO B 233 1.55 14.82 -25.38
C PRO B 233 1.46 14.53 -23.88
N GLU B 234 0.30 14.13 -23.41
CA GLU B 234 0.11 13.87 -22.00
C GLU B 234 -0.69 12.59 -21.85
N VAL B 235 -0.06 11.57 -21.29
CA VAL B 235 -0.69 10.28 -21.09
C VAL B 235 -0.32 9.65 -19.74
N LEU B 236 -1.22 8.83 -19.22
CA LEU B 236 -1.03 8.16 -17.95
C LEU B 236 -1.03 6.64 -18.18
N ILE B 237 -0.06 5.96 -17.59
CA ILE B 237 0.01 4.51 -17.74
C ILE B 237 0.10 3.84 -16.37
N ALA B 238 -0.85 2.97 -16.08
CA ALA B 238 -0.88 2.25 -14.81
C ALA B 238 -0.50 0.80 -15.12
N ALA B 239 0.69 0.39 -14.67
CA ALA B 239 1.16 -0.97 -14.92
C ALA B 239 1.16 -1.89 -13.71
N SER B 240 0.89 -3.18 -13.95
CA SER B 240 0.87 -4.19 -12.90
C SER B 240 1.95 -5.22 -13.17
N CYS B 241 2.70 -5.57 -12.13
CA CYS B 241 3.75 -6.58 -12.26
C CYS B 241 3.26 -7.91 -11.72
N SER B 242 2.02 -7.95 -11.25
CA SER B 242 1.44 -9.17 -10.69
C SER B 242 1.49 -10.36 -11.62
N LYS B 243 0.85 -10.22 -12.78
CA LYS B 243 0.79 -11.31 -13.76
C LYS B 243 2.06 -11.65 -14.52
N ASN B 244 2.62 -10.71 -15.28
CA ASN B 244 3.81 -11.00 -16.07
C ASN B 244 5.07 -11.34 -15.30
N PHE B 245 5.07 -11.12 -14.00
CA PHE B 245 6.21 -11.48 -13.17
C PHE B 245 5.82 -12.55 -12.18
N GLY B 246 4.55 -12.91 -12.15
CA GLY B 246 4.05 -13.93 -11.25
C GLY B 246 4.21 -13.60 -9.77
N ILE B 247 4.14 -12.31 -9.43
CA ILE B 247 4.31 -11.90 -8.05
C ILE B 247 3.07 -11.21 -7.46
N TYR B 248 1.90 -11.76 -7.81
CA TYR B 248 0.61 -11.24 -7.39
C TYR B 248 0.54 -10.73 -5.94
N ARG B 249 0.83 -11.58 -4.98
CA ARG B 249 0.76 -11.19 -3.55
C ARG B 249 1.78 -10.14 -3.08
N GLU B 250 2.81 -9.88 -3.88
CA GLU B 250 3.82 -8.90 -3.49
C GLU B 250 3.27 -7.47 -3.56
N ARG B 251 2.30 -7.26 -4.44
CA ARG B 251 1.67 -5.96 -4.62
C ARG B 251 2.66 -4.95 -5.15
N THR B 252 2.97 -5.05 -6.44
CA THR B 252 3.91 -4.15 -7.06
C THR B 252 3.48 -3.76 -8.47
N GLY B 253 3.56 -2.45 -8.72
CA GLY B 253 3.20 -1.88 -10.00
C GLY B 253 3.63 -0.42 -9.97
N CYS B 254 3.37 0.32 -11.03
CA CYS B 254 3.75 1.73 -11.02
C CYS B 254 2.92 2.59 -11.97
N LEU B 255 2.90 3.88 -11.68
CA LEU B 255 2.18 4.85 -12.48
C LEU B 255 3.18 5.74 -13.21
N LEU B 256 3.00 5.87 -14.51
CA LEU B 256 3.86 6.72 -15.31
C LEU B 256 3.02 7.91 -15.76
N ALA B 257 3.55 9.11 -15.57
CA ALA B 257 2.87 10.33 -15.97
C ALA B 257 3.72 10.98 -17.05
N LEU B 258 3.32 10.84 -18.31
CA LEU B 258 4.06 11.43 -19.42
C LEU B 258 3.58 12.86 -19.57
N CYS B 259 4.51 13.80 -19.58
CA CYS B 259 4.17 15.21 -19.68
C CYS B 259 4.76 15.87 -20.91
N ALA B 260 4.33 17.10 -21.15
CA ALA B 260 4.79 17.87 -22.30
C ALA B 260 6.12 18.55 -22.03
N ASP B 261 6.23 19.20 -20.87
CA ASP B 261 7.45 19.91 -20.51
C ASP B 261 8.07 19.41 -19.21
N ALA B 262 9.35 19.71 -19.04
CA ALA B 262 10.10 19.31 -17.86
C ALA B 262 9.57 19.93 -16.58
N ALA B 263 8.93 21.10 -16.72
CA ALA B 263 8.37 21.80 -15.57
C ALA B 263 7.16 21.04 -15.02
N THR B 264 6.24 20.67 -15.91
CA THR B 264 5.04 19.94 -15.51
C THR B 264 5.42 18.61 -14.87
N ARG B 265 6.53 18.02 -15.33
CA ARG B 265 7.00 16.76 -14.79
C ARG B 265 7.23 16.89 -13.29
N GLU B 266 7.97 17.92 -12.91
CA GLU B 266 8.26 18.16 -11.50
C GLU B 266 7.00 18.35 -10.67
N LEU B 267 6.01 19.01 -11.26
CA LEU B 267 4.74 19.24 -10.58
C LEU B 267 4.09 17.90 -10.26
N ALA B 268 3.90 17.10 -11.31
CA ALA B 268 3.28 15.79 -11.21
C ALA B 268 4.03 14.85 -10.30
N GLN B 269 5.35 14.80 -10.44
CA GLN B 269 6.18 13.92 -9.62
C GLN B 269 5.99 14.24 -8.14
N GLY B 270 5.94 15.53 -7.82
CA GLY B 270 5.73 15.95 -6.44
C GLY B 270 4.35 15.54 -6.00
N ALA B 271 3.35 15.82 -6.82
CA ALA B 271 1.97 15.45 -6.49
C ALA B 271 1.85 13.93 -6.28
N MET B 272 2.55 13.16 -7.10
CA MET B 272 2.55 11.70 -7.02
C MET B 272 3.16 11.25 -5.69
N ALA B 273 4.29 11.85 -5.33
CA ALA B 273 4.98 11.53 -4.08
C ALA B 273 4.07 11.86 -2.89
N PHE B 274 3.39 13.00 -2.98
CA PHE B 274 2.45 13.45 -1.95
C PHE B 274 1.33 12.43 -1.80
N LEU B 275 0.84 11.92 -2.91
CA LEU B 275 -0.24 10.92 -2.93
C LEU B 275 0.13 9.66 -2.14
N ASN B 276 1.38 9.22 -2.24
CA ASN B 276 1.81 8.03 -1.49
C ASN B 276 1.87 8.34 -0.01
N ARG B 277 2.41 9.52 0.30
CA ARG B 277 2.57 9.98 1.67
C ARG B 277 1.24 9.99 2.45
N GLN B 278 0.19 10.50 1.82
CA GLN B 278 -1.13 10.59 2.46
C GLN B 278 -1.95 9.28 2.45
N THR B 279 -1.52 8.28 1.70
CA THR B 279 -2.24 7.02 1.63
C THR B 279 -1.61 5.90 2.46
N TYR B 280 -0.29 5.72 2.33
CA TYR B 280 0.40 4.65 3.08
C TYR B 280 1.88 4.94 3.27
N SER B 281 2.28 6.18 3.02
CA SER B 281 3.67 6.59 3.14
C SER B 281 4.48 5.89 2.03
N PHE B 282 5.47 5.07 2.39
CA PHE B 282 6.31 4.40 1.41
C PHE B 282 5.69 3.19 0.72
N PRO B 283 6.04 2.96 -0.56
CA PRO B 283 5.52 1.81 -1.32
C PRO B 283 6.31 0.55 -0.95
N PRO B 284 5.68 -0.63 -1.01
CA PRO B 284 6.35 -1.89 -0.67
C PRO B 284 7.61 -2.09 -1.50
N PHE B 285 8.68 -2.49 -0.82
CA PHE B 285 9.98 -2.70 -1.46
C PHE B 285 10.26 -4.08 -2.08
N HIS B 286 9.86 -5.15 -1.40
CA HIS B 286 10.17 -6.50 -1.90
C HIS B 286 9.89 -6.79 -3.39
N GLY B 287 8.63 -6.70 -3.80
CA GLY B 287 8.30 -6.98 -5.19
C GLY B 287 9.01 -6.11 -6.22
N ALA B 288 9.11 -4.81 -5.92
CA ALA B 288 9.76 -3.85 -6.80
C ALA B 288 11.23 -4.24 -6.94
N LYS B 289 11.84 -4.61 -5.81
CA LYS B 289 13.23 -5.02 -5.79
C LYS B 289 13.42 -6.26 -6.66
N ILE B 290 12.45 -7.17 -6.64
CA ILE B 290 12.52 -8.37 -7.46
C ILE B 290 12.54 -7.99 -8.94
N VAL B 291 11.57 -7.16 -9.35
CA VAL B 291 11.46 -6.72 -10.73
C VAL B 291 12.72 -6.05 -11.26
N SER B 292 13.23 -5.06 -10.53
CA SER B 292 14.43 -4.35 -10.95
C SER B 292 15.61 -5.32 -11.08
N THR B 293 15.70 -6.28 -10.16
CA THR B 293 16.76 -7.28 -10.20
C THR B 293 16.69 -8.13 -11.47
N VAL B 294 15.48 -8.60 -11.79
CA VAL B 294 15.29 -9.40 -12.99
C VAL B 294 15.60 -8.59 -14.25
N LEU B 295 14.97 -7.43 -14.36
CA LEU B 295 15.14 -6.54 -15.50
C LEU B 295 16.55 -6.03 -15.73
N THR B 296 17.27 -5.73 -14.65
CA THR B 296 18.62 -5.19 -14.78
C THR B 296 19.71 -6.25 -14.92
N THR B 297 19.45 -7.47 -14.47
CA THR B 297 20.42 -8.54 -14.59
C THR B 297 20.16 -9.33 -15.89
N PRO B 298 21.01 -9.12 -16.92
CA PRO B 298 20.92 -9.78 -18.23
C PRO B 298 20.56 -11.26 -18.19
N GLU B 299 21.23 -11.99 -17.32
CA GLU B 299 20.99 -13.42 -17.18
C GLU B 299 19.57 -13.72 -16.74
N LEU B 300 19.10 -12.95 -15.76
CA LEU B 300 17.77 -13.13 -15.21
C LEU B 300 16.67 -12.70 -16.19
N ARG B 301 16.93 -11.65 -16.97
CA ARG B 301 15.96 -11.16 -17.95
C ARG B 301 15.72 -12.21 -19.02
N ALA B 302 16.80 -12.77 -19.55
CA ALA B 302 16.70 -13.79 -20.59
C ALA B 302 15.83 -14.95 -20.15
N ASP B 303 16.06 -15.45 -18.94
CA ASP B 303 15.29 -16.58 -18.41
C ASP B 303 13.81 -16.21 -18.20
N TRP B 304 13.57 -14.98 -17.71
CA TRP B 304 12.22 -14.50 -17.47
C TRP B 304 11.45 -14.43 -18.80
N MET B 305 12.06 -13.80 -19.81
CA MET B 305 11.47 -13.68 -21.13
C MET B 305 11.07 -15.05 -21.65
N ALA B 306 12.00 -16.00 -21.54
CA ALA B 306 11.78 -17.38 -21.99
C ALA B 306 10.61 -18.06 -21.29
N GLU B 307 10.54 -17.93 -19.97
CA GLU B 307 9.46 -18.56 -19.23
C GLU B 307 8.12 -17.92 -19.58
N LEU B 308 8.14 -16.60 -19.79
CA LEU B 308 6.92 -15.88 -20.14
C LEU B 308 6.44 -16.26 -21.55
N GLU B 309 7.38 -16.49 -22.46
CA GLU B 309 7.08 -16.88 -23.83
C GLU B 309 6.45 -18.26 -23.79
N ALA B 310 6.99 -19.13 -22.96
CA ALA B 310 6.49 -20.49 -22.81
C ALA B 310 5.03 -20.44 -22.35
N VAL B 311 4.75 -19.61 -21.36
CA VAL B 311 3.39 -19.46 -20.83
C VAL B 311 2.42 -19.02 -21.94
N ARG B 312 2.70 -17.87 -22.54
CA ARG B 312 1.89 -17.30 -23.63
C ARG B 312 1.56 -18.36 -24.69
N SER B 313 2.58 -19.08 -25.14
CA SER B 313 2.40 -20.12 -26.14
C SER B 313 1.47 -21.20 -25.64
N GLY B 314 1.69 -21.64 -24.40
CA GLY B 314 0.86 -22.67 -23.81
C GLY B 314 -0.61 -22.31 -23.88
N MET B 315 -0.96 -21.14 -23.37
CA MET B 315 -2.35 -20.71 -23.37
C MET B 315 -2.90 -20.63 -24.80
N LEU B 316 -2.08 -20.14 -25.72
CA LEU B 316 -2.49 -20.03 -27.12
C LEU B 316 -2.77 -21.41 -27.68
N ARG B 317 -2.01 -22.40 -27.18
CA ARG B 317 -2.15 -23.79 -27.59
C ARG B 317 -3.46 -24.33 -27.01
N LEU B 318 -3.80 -23.89 -25.81
CA LEU B 318 -5.03 -24.33 -25.16
C LEU B 318 -6.23 -23.77 -25.90
N ARG B 319 -6.10 -22.54 -26.40
CA ARG B 319 -7.19 -21.90 -27.14
C ARG B 319 -7.57 -22.67 -28.38
N GLU B 320 -6.57 -23.13 -29.13
CA GLU B 320 -6.81 -23.91 -30.32
C GLU B 320 -7.59 -25.17 -29.95
N GLN B 321 -7.08 -25.91 -28.96
CA GLN B 321 -7.70 -27.15 -28.49
C GLN B 321 -9.17 -26.95 -28.13
N LEU B 322 -9.44 -25.95 -27.29
CA LEU B 322 -10.80 -25.65 -26.85
C LEU B 322 -11.72 -25.38 -28.03
N ALA B 323 -11.28 -24.50 -28.93
CA ALA B 323 -12.08 -24.16 -30.11
C ALA B 323 -12.29 -25.41 -30.97
N GLY B 324 -11.29 -26.29 -30.98
CA GLY B 324 -11.37 -27.52 -31.75
C GLY B 324 -12.41 -28.46 -31.18
N GLU B 325 -12.36 -28.68 -29.87
CA GLU B 325 -13.32 -29.54 -29.19
C GLU B 325 -14.73 -29.06 -29.48
N LEU B 326 -14.98 -27.79 -29.23
CA LEU B 326 -16.30 -27.20 -29.48
C LEU B 326 -16.74 -27.37 -30.92
N ARG B 327 -15.79 -27.24 -31.85
CA ARG B 327 -16.04 -27.40 -33.28
C ARG B 327 -16.60 -28.79 -33.58
N ASP B 328 -15.95 -29.80 -33.04
CA ASP B 328 -16.38 -31.18 -33.25
C ASP B 328 -17.79 -31.39 -32.69
N LEU B 329 -18.20 -30.49 -31.80
CA LEU B 329 -19.52 -30.56 -31.20
C LEU B 329 -20.43 -29.49 -31.80
N SER B 330 -20.20 -29.15 -33.07
CA SER B 330 -21.02 -28.16 -33.75
C SER B 330 -20.94 -28.26 -35.28
N GLY B 331 -20.17 -29.22 -35.77
CA GLY B 331 -20.04 -29.40 -37.21
C GLY B 331 -18.98 -28.47 -37.78
N SER B 332 -19.20 -27.16 -37.66
CA SER B 332 -18.25 -26.16 -38.15
C SER B 332 -18.86 -24.78 -37.96
N ASP B 333 -18.80 -24.22 -36.75
CA ASP B 333 -19.37 -22.90 -36.54
C ASP B 333 -18.83 -22.01 -35.40
N ARG B 334 -19.46 -20.84 -35.32
CA ARG B 334 -19.20 -19.73 -34.39
C ARG B 334 -18.27 -19.74 -33.16
N PHE B 335 -18.00 -20.89 -32.55
CA PHE B 335 -17.11 -20.89 -31.38
C PHE B 335 -15.63 -20.65 -31.67
N GLY B 336 -15.32 -20.17 -32.87
CA GLY B 336 -13.94 -19.92 -33.23
C GLY B 336 -13.31 -18.69 -32.62
N PHE B 337 -14.14 -17.74 -32.16
CA PHE B 337 -13.63 -16.50 -31.57
C PHE B 337 -12.59 -16.75 -30.49
N VAL B 338 -12.73 -17.88 -29.79
CA VAL B 338 -11.81 -18.28 -28.73
C VAL B 338 -10.36 -18.24 -29.24
N ALA B 339 -10.15 -18.74 -30.45
CA ALA B 339 -8.82 -18.77 -31.04
C ALA B 339 -8.32 -17.40 -31.51
N GLU B 340 -9.23 -16.46 -31.68
CA GLU B 340 -8.84 -15.12 -32.11
C GLU B 340 -8.61 -14.19 -30.93
N HIS B 341 -9.27 -14.49 -29.82
CA HIS B 341 -9.15 -13.70 -28.60
C HIS B 341 -7.73 -13.85 -28.07
N ARG B 342 -7.16 -12.77 -27.58
CA ARG B 342 -5.81 -12.82 -27.06
C ARG B 342 -5.78 -12.34 -25.61
N GLY B 343 -5.25 -13.19 -24.73
CA GLY B 343 -5.16 -12.85 -23.34
C GLY B 343 -5.26 -14.08 -22.46
N MET B 344 -5.88 -13.91 -21.30
CA MET B 344 -6.04 -15.00 -20.37
C MET B 344 -7.53 -15.28 -20.17
N PHE B 345 -8.35 -14.34 -20.61
CA PHE B 345 -9.79 -14.46 -20.48
C PHE B 345 -10.42 -14.50 -21.85
N SER B 346 -11.68 -14.90 -21.88
CA SER B 346 -12.44 -14.97 -23.10
C SER B 346 -13.88 -15.02 -22.63
N ARG B 347 -14.71 -14.14 -23.16
CA ARG B 347 -16.11 -14.11 -22.78
C ARG B 347 -16.84 -15.09 -23.68
N LEU B 348 -17.57 -16.02 -23.08
CA LEU B 348 -18.31 -17.00 -23.85
C LEU B 348 -19.57 -16.35 -24.43
N GLY B 349 -20.65 -16.37 -23.65
CA GLY B 349 -21.91 -15.81 -24.10
C GLY B 349 -23.02 -16.32 -23.22
N ALA B 350 -22.71 -17.37 -22.45
CA ALA B 350 -23.66 -17.98 -21.52
C ALA B 350 -24.34 -16.92 -20.67
N THR B 351 -25.66 -16.88 -20.75
CA THR B 351 -26.46 -15.92 -19.99
C THR B 351 -26.28 -16.14 -18.49
N PRO B 352 -26.68 -15.15 -17.67
CA PRO B 352 -26.55 -15.24 -16.21
C PRO B 352 -27.00 -16.55 -15.58
N GLU B 353 -28.19 -17.02 -15.96
CA GLU B 353 -28.71 -18.28 -15.41
C GLU B 353 -27.90 -19.48 -15.88
N GLN B 354 -27.45 -19.44 -17.13
CA GLN B 354 -26.67 -20.53 -17.69
C GLN B 354 -25.40 -20.74 -16.87
N VAL B 355 -24.76 -19.62 -16.47
CA VAL B 355 -23.54 -19.67 -15.69
C VAL B 355 -23.76 -20.36 -14.34
N LYS B 356 -24.75 -19.91 -13.57
CA LYS B 356 -25.01 -20.51 -12.25
C LYS B 356 -25.31 -21.99 -12.36
N ARG B 357 -26.04 -22.38 -13.42
CA ARG B 357 -26.40 -23.78 -13.63
C ARG B 357 -25.14 -24.62 -13.80
N ILE B 358 -24.20 -24.12 -14.59
CA ILE B 358 -22.95 -24.82 -14.85
C ILE B 358 -22.16 -25.05 -13.56
N LYS B 359 -22.08 -24.05 -12.70
CA LYS B 359 -21.34 -24.18 -11.45
C LYS B 359 -22.04 -25.09 -10.43
N GLU B 360 -23.35 -24.98 -10.32
CA GLU B 360 -24.12 -25.78 -9.37
C GLU B 360 -24.30 -27.23 -9.79
N GLU B 361 -24.06 -27.53 -11.07
CA GLU B 361 -24.19 -28.89 -11.58
C GLU B 361 -22.86 -29.47 -12.05
N PHE B 362 -22.22 -28.81 -13.01
CA PHE B 362 -20.95 -29.28 -13.55
C PHE B 362 -19.76 -28.88 -12.68
N GLY B 363 -20.02 -28.17 -11.59
CA GLY B 363 -18.96 -27.77 -10.68
C GLY B 363 -17.86 -26.88 -11.24
N ILE B 364 -18.10 -26.29 -12.40
CA ILE B 364 -17.11 -25.41 -13.02
C ILE B 364 -17.46 -23.94 -12.81
N TYR B 365 -16.60 -23.27 -12.06
CA TYR B 365 -16.77 -21.86 -11.71
C TYR B 365 -16.18 -20.88 -12.72
N MET B 366 -17.04 -20.06 -13.30
CA MET B 366 -16.64 -19.02 -14.25
C MET B 366 -17.41 -17.77 -13.87
N VAL B 367 -16.78 -16.62 -14.02
CA VAL B 367 -17.41 -15.35 -13.66
C VAL B 367 -18.77 -15.15 -14.35
N GLY B 368 -19.76 -14.78 -13.55
CA GLY B 368 -21.12 -14.58 -14.02
C GLY B 368 -21.34 -14.09 -15.45
N ASP B 369 -20.47 -13.21 -15.92
CA ASP B 369 -20.57 -12.67 -17.27
C ASP B 369 -19.94 -13.60 -18.29
N SER B 370 -19.90 -14.90 -17.97
CA SER B 370 -19.32 -15.94 -18.82
C SER B 370 -17.83 -15.80 -19.11
N ARG B 371 -17.11 -15.07 -18.26
CA ARG B 371 -15.67 -14.90 -18.46
C ARG B 371 -14.92 -16.13 -17.95
N ILE B 372 -14.22 -16.80 -18.86
CA ILE B 372 -13.45 -17.99 -18.48
C ILE B 372 -11.96 -17.70 -18.58
N ASN B 373 -11.21 -18.18 -17.59
CA ASN B 373 -9.77 -18.02 -17.56
C ASN B 373 -9.19 -19.22 -18.32
N ILE B 374 -8.77 -19.00 -19.56
CA ILE B 374 -8.21 -20.08 -20.36
C ILE B 374 -6.96 -20.74 -19.79
N ALA B 375 -6.22 -20.01 -18.96
CA ALA B 375 -4.99 -20.54 -18.37
C ALA B 375 -5.29 -21.67 -17.40
N GLY B 376 -6.47 -21.62 -16.80
CA GLY B 376 -6.87 -22.65 -15.87
C GLY B 376 -7.68 -23.70 -16.61
N LEU B 377 -7.02 -24.41 -17.51
CA LEU B 377 -7.68 -25.44 -18.30
C LEU B 377 -6.59 -26.28 -18.96
N ASN B 378 -6.91 -27.54 -19.24
CA ASN B 378 -5.94 -28.44 -19.87
C ASN B 378 -6.67 -29.50 -20.67
N ASP B 379 -5.94 -30.26 -21.46
CA ASP B 379 -6.53 -31.31 -22.30
C ASP B 379 -7.35 -32.35 -21.55
N ASN B 380 -7.26 -32.34 -20.23
CA ASN B 380 -8.02 -33.29 -19.40
C ASN B 380 -9.33 -32.66 -18.95
N THR B 381 -9.39 -31.33 -18.98
CA THR B 381 -10.59 -30.60 -18.57
C THR B 381 -11.32 -29.89 -19.70
N ILE B 382 -10.62 -29.67 -20.82
CA ILE B 382 -11.22 -29.01 -21.97
C ILE B 382 -12.46 -29.77 -22.44
N PRO B 383 -12.36 -31.11 -22.63
CA PRO B 383 -13.52 -31.88 -23.08
C PRO B 383 -14.68 -31.73 -22.11
N ILE B 384 -14.37 -31.74 -20.82
CA ILE B 384 -15.37 -31.58 -19.77
C ILE B 384 -16.10 -30.24 -19.97
N LEU B 385 -15.33 -29.18 -20.20
CA LEU B 385 -15.89 -27.86 -20.42
C LEU B 385 -16.73 -27.86 -21.69
N ALA B 386 -16.19 -28.46 -22.75
CA ALA B 386 -16.86 -28.55 -24.04
C ALA B 386 -18.27 -29.12 -23.87
N ARG B 387 -18.37 -30.28 -23.23
CA ARG B 387 -19.65 -30.92 -22.99
C ARG B 387 -20.51 -30.10 -22.03
N ALA B 388 -19.87 -29.56 -21.00
CA ALA B 388 -20.57 -28.75 -20.00
C ALA B 388 -21.33 -27.58 -20.63
N ILE B 389 -20.69 -26.86 -21.54
CA ILE B 389 -21.36 -25.72 -22.18
C ILE B 389 -22.35 -26.20 -23.26
N ILE B 390 -22.07 -27.35 -23.86
CA ILE B 390 -22.95 -27.90 -24.89
C ILE B 390 -24.29 -28.28 -24.27
N GLU B 391 -24.23 -29.02 -23.15
CA GLU B 391 -25.43 -29.44 -22.47
C GLU B 391 -26.21 -28.26 -21.89
N VAL B 392 -25.49 -27.21 -21.49
CA VAL B 392 -26.13 -26.02 -20.92
C VAL B 392 -26.89 -25.25 -22.00
N GLY B 393 -26.69 -25.65 -23.26
CA GLY B 393 -27.37 -25.04 -24.39
C GLY B 393 -27.31 -23.53 -24.44
N VAL B 394 -28.45 -22.92 -24.80
CA VAL B 394 -28.58 -21.48 -24.92
C VAL B 394 -30.06 -21.12 -25.15
N1 PLP C . 2.67 6.66 13.54
C2 PLP C . 3.67 7.07 14.38
C2A PLP C . 3.34 7.87 15.63
C3 PLP C . 4.96 6.78 14.07
O3 PLP C . 5.96 7.19 14.92
C4 PLP C . 5.25 6.07 12.93
C4A PLP C . 6.54 5.71 12.64
C5 PLP C . 4.23 5.68 12.09
C6 PLP C . 2.95 5.97 12.41
C5A PLP C . 4.55 4.97 10.78
O4P PLP C . 4.55 3.58 10.69
P PLP C . 4.72 3.12 9.16
O1P PLP C . 4.68 1.64 9.24
O2P PLP C . 6.14 3.63 8.71
O3P PLP C . 3.75 3.80 8.29
C1 MAE D . 8.11 8.66 9.33
O1 MAE D . 8.48 8.20 8.23
O2 MAE D . 7.56 9.78 9.45
C2 MAE D . 8.26 7.77 10.56
C3 MAE D . 8.82 8.22 11.77
C4 MAE D . 9.33 9.62 11.99
O3 MAE D . 8.63 10.41 12.65
O4 MAE D . 10.45 9.93 11.52
N1 PLP E . -6.33 -4.18 -14.06
C2 PLP E . -6.49 -5.27 -14.81
C2A PLP E . -7.15 -5.16 -16.16
C3 PLP E . -6.01 -6.46 -14.37
O3 PLP E . -6.22 -7.53 -15.14
C4 PLP E . -5.37 -6.54 -13.13
C4A PLP E . -4.77 -7.75 -12.68
C5 PLP E . -5.25 -5.38 -12.37
C6 PLP E . -5.71 -4.22 -12.86
C5A PLP E . -4.67 -5.39 -10.96
O4P PLP E . -3.38 -5.95 -10.76
P PLP E . -2.90 -5.94 -9.27
O1P PLP E . -1.43 -6.05 -9.35
O2P PLP E . -3.43 -7.33 -8.79
O3P PLP E . -3.55 -4.86 -8.50
C1 MAE F . -8.39 -9.28 -9.69
O1 MAE F . -8.07 -9.64 -8.54
O2 MAE F . -9.45 -8.68 -9.95
C2 MAE F . -7.37 -9.58 -10.80
C3 MAE F . -7.72 -10.13 -12.05
C4 MAE F . -9.15 -10.52 -12.43
O3 MAE F . -9.80 -9.71 -13.12
O4 MAE F . -9.60 -11.63 -12.08
#